data_8YB4
#
_entry.id   8YB4
#
_cell.length_a   1.00
_cell.length_b   1.00
_cell.length_c   1.00
_cell.angle_alpha   90.00
_cell.angle_beta   90.00
_cell.angle_gamma   90.00
#
_symmetry.space_group_name_H-M   'P 1'
#
loop_
_entity.id
_entity.type
_entity.pdbx_description
1 polymer 'phytochrome B'
2 polymer 'phytochrome-interacting factor 6'
3 non-polymer '3-[5-[[(3~{R},4~{R})-3-ethyl-4-methyl-5-oxidanylidene-3,4-dihydropyrrol-2-yl]methyl]-2-[[5-[(4-ethyl-3-methyl-5-oxidanylidene-pyrrol-2-yl)methyl]-3-(3-hydroxy-3-oxopropyl)-4-methyl-1~{H}-pyrrol-2-yl]methyl]-4-methyl-1~{H}-pyrrol-3-yl]propanoic acid'
#
loop_
_entity_poly.entity_id
_entity_poly.type
_entity_poly.pdbx_seq_one_letter_code
_entity_poly.pdbx_strand_id
1 'polypeptide(L)'
;GPLGSMVSGVGGSGGGRGGGRGGEEEPSSSHTPNNRRGGEQAQSSGTKSLRPRSNTESMSKAIQQYTVDARLHAVFEQSG
ESGKSFDYSQSLKTTTYGSSVPEQQITAYLSRIQRGGYIQPFGCMIAVDESSFRIIGYSENAREMLGIMPQSVPTLEKPE
ILAMGTDVRSLFTSSSSILLERAFVAREITLLNPVWIHSKNTGKPFYAILHRIDVGVVIDLEPARTEDPALSIAGAVQSQ
KLAVRAISQLQALPGGDIKLLCDTVVESVRDLTGYDRVMVYKFHEDEHGEVVAESKRDDLEPYIGLHYPATDIPQASRFL
FKQNRVRMIVDCNATPVLVVQDDRLTQSMCLVGSTLRAPHGCHSQYMANMGSIASLAMAVIINGNEDDGSNVASGRSSMR
LWGLVVCHHTSSRCIPFPLRYACEFLMQAFGLQLNMELQLALQMSEKRVLRTQTLLCDMLLRDSPAGIVTQSPSIMDLVK
CDGAAFLYHGKYYPLGVAPSEVQIKDVVEWLLANHADSTGLSTDSLGDAGYPGAAALGDAVCGMAVAYITKRDFLFWFRS
HTAKEIKWGGAKHHPEDKDDGQRMHPRSSFQAFLEVVKSRSQPWETAEMDAIHSLQLILRDSFKESEAAMNSKVVDGVVQ
PCRDMAGEQGIDELGAVAREMVRLIETATVPIFAVDAGGCINGWNAKIAELTGLSVEEAMGKSLVSDLIYKENEATVNKL
LSRALRGDEEKNVEVKLKTFSPELQGKAVFVVVNACSSKDYLNNIVGVCFVGQDVTSQKIVMDKFINIQGDYKAIVHSPN
PLIPPIFAADENTCCLEWNMAMEKLTGWSRSEVIGKMIVGEVFGSCCMLKGPDALTKFMIVLHNAIGGQDTDKFPFPFFD
RNGKFVQALLTANKRVSLEGKVIGAFCFLQIPSPELQQALAVQRRQDTECFTKAKELAYICQVIKNPLSGMRFANSLLEA
TDLNEDQKQLLETSVSCEKQISRIVGDMDLESIEDGSFVLKREEFFLGSVINAIVSQAMFLLRDRGLQLIRDIPEEIKSI
EVFGDQIRIQQLLAEFLLSIIRYAPSQEWVEIHLSQLSKQMADGFAAIRTEFRMACPGEGLPPELVRDMFHSSRWTSPEG
LGLSVCRKILKLMNGEVQYIRESERSYFLIILELPVPRKRPLSTASGSGDMMLMMPY
;
B,A
2 'polypeptide(L)'
;GPLGSMMFLPTDYCCRLSDQEYMELVFENGQILAKGQRSNVSLHNQRTKSIMDLYEAEYNEDFMKSIIHGGGGAITNLGD
TQVVPQSHVAAAHETNMLESNKHVD
;
C
#
# COMPACT_ATOMS: atom_id res chain seq x y z
N GLU A 57 -24.75 7.09 -14.40
CA GLU A 57 -24.88 8.28 -13.57
C GLU A 57 -26.29 8.37 -12.97
N SER A 58 -27.08 7.32 -13.16
CA SER A 58 -28.43 7.25 -12.61
C SER A 58 -28.63 6.04 -11.70
N MET A 59 -28.20 4.86 -12.14
CA MET A 59 -28.44 3.64 -11.37
C MET A 59 -27.54 3.55 -10.14
N SER A 60 -26.39 4.23 -10.17
CA SER A 60 -25.46 4.16 -9.05
C SER A 60 -26.08 4.75 -7.79
N LYS A 61 -25.73 4.17 -6.64
CA LYS A 61 -26.33 4.58 -5.37
C LYS A 61 -25.92 5.99 -4.99
N ALA A 62 -24.71 6.41 -5.36
CA ALA A 62 -24.21 7.71 -4.93
C ALA A 62 -25.06 8.85 -5.49
N ILE A 63 -25.39 8.79 -6.78
CA ILE A 63 -26.15 9.87 -7.40
C ILE A 63 -27.55 9.97 -6.80
N GLN A 64 -28.19 8.83 -6.54
CA GLN A 64 -29.47 8.84 -5.86
C GLN A 64 -29.34 9.40 -4.46
N GLN A 65 -28.25 9.06 -3.76
CA GLN A 65 -28.05 9.52 -2.40
C GLN A 65 -27.77 11.03 -2.32
N TYR A 66 -27.27 11.64 -3.40
CA TYR A 66 -27.03 13.08 -3.36
C TYR A 66 -28.31 13.86 -3.09
N THR A 67 -29.41 13.49 -3.76
CA THR A 67 -30.66 14.20 -3.56
C THR A 67 -31.21 13.98 -2.15
N VAL A 68 -31.04 12.77 -1.61
CA VAL A 68 -31.47 12.50 -0.24
C VAL A 68 -30.66 13.34 0.74
N ASP A 69 -29.35 13.47 0.49
CA ASP A 69 -28.52 14.33 1.33
C ASP A 69 -29.00 15.76 1.28
N ALA A 70 -29.32 16.27 0.09
CA ALA A 70 -29.83 17.63 -0.03
C ALA A 70 -31.14 17.80 0.73
N ARG A 71 -32.05 16.82 0.61
CA ARG A 71 -33.32 16.90 1.32
C ARG A 71 -33.13 16.92 2.82
N LEU A 72 -32.26 16.04 3.33
CA LEU A 72 -32.02 15.99 4.78
C LEU A 72 -31.36 17.27 5.27
N HIS A 73 -30.44 17.83 4.49
CA HIS A 73 -29.83 19.11 4.87
C HIS A 73 -30.87 20.22 4.93
N ALA A 74 -31.76 20.28 3.93
CA ALA A 74 -32.80 21.30 3.93
C ALA A 74 -33.73 21.13 5.13
N VAL A 75 -34.10 19.88 5.44
CA VAL A 75 -34.97 19.63 6.58
C VAL A 75 -34.29 20.06 7.88
N PHE A 76 -33.00 19.75 8.02
CA PHE A 76 -32.26 20.15 9.21
C PHE A 76 -32.23 21.67 9.36
N GLU A 77 -31.96 22.39 8.27
CA GLU A 77 -31.93 23.85 8.35
C GLU A 77 -33.30 24.41 8.70
N GLN A 78 -34.37 23.88 8.08
CA GLN A 78 -35.71 24.37 8.36
C GLN A 78 -36.09 24.12 9.82
N SER A 79 -35.77 22.95 10.35
CA SER A 79 -36.06 22.67 11.75
C SER A 79 -35.24 23.57 12.68
N GLY A 80 -33.99 23.83 12.31
CA GLY A 80 -33.15 24.68 13.16
C GLY A 80 -33.62 26.12 13.20
N GLU A 81 -34.02 26.68 12.05
CA GLU A 81 -34.40 28.08 12.02
C GLU A 81 -35.75 28.32 12.70
N SER A 82 -36.63 27.33 12.71
CA SER A 82 -37.99 27.49 13.22
C SER A 82 -38.10 27.13 14.70
N GLY A 83 -36.98 26.96 15.40
CA GLY A 83 -37.01 26.65 16.81
C GLY A 83 -37.64 25.30 17.12
N LYS A 84 -37.19 24.25 16.44
CA LYS A 84 -37.71 22.90 16.63
C LYS A 84 -36.52 21.96 16.81
N SER A 85 -36.82 20.66 16.83
CA SER A 85 -35.81 19.63 17.01
C SER A 85 -35.73 18.76 15.76
N PHE A 86 -34.52 18.43 15.35
CA PHE A 86 -34.30 17.61 14.17
C PHE A 86 -34.62 16.16 14.51
N ASP A 87 -35.79 15.69 14.07
CA ASP A 87 -36.23 14.33 14.35
C ASP A 87 -35.52 13.39 13.37
N TYR A 88 -34.55 12.64 13.89
CA TYR A 88 -33.72 11.79 13.03
C TYR A 88 -34.54 10.71 12.35
N SER A 89 -35.31 9.94 13.15
CA SER A 89 -36.00 8.78 12.61
C SER A 89 -37.08 9.18 11.62
N GLN A 90 -37.91 10.16 11.99
CA GLN A 90 -38.99 10.59 11.10
C GLN A 90 -38.45 11.17 9.81
N SER A 91 -37.40 12.00 9.90
CA SER A 91 -36.82 12.59 8.70
C SER A 91 -36.23 11.51 7.79
N LEU A 92 -35.52 10.54 8.37
CA LEU A 92 -34.94 9.48 7.55
C LEU A 92 -36.01 8.60 6.92
N LYS A 93 -37.12 8.36 7.61
CA LYS A 93 -38.16 7.52 7.06
C LYS A 93 -38.99 8.24 6.01
N THR A 94 -39.19 9.55 6.18
CA THR A 94 -40.07 10.29 5.27
C THR A 94 -39.49 10.36 3.87
N THR A 95 -38.23 10.77 3.75
CA THR A 95 -37.60 10.89 2.44
C THR A 95 -37.06 9.54 1.97
N THR A 96 -37.37 9.20 0.73
CA THR A 96 -36.96 7.93 0.14
C THR A 96 -35.64 8.10 -0.58
N TYR A 97 -35.14 6.99 -1.13
CA TYR A 97 -33.85 6.97 -1.82
C TYR A 97 -33.94 7.40 -3.27
N GLY A 98 -35.11 7.86 -3.72
CA GLY A 98 -35.30 8.30 -5.09
C GLY A 98 -34.71 9.66 -5.35
N SER A 99 -35.37 10.42 -6.22
CA SER A 99 -34.90 11.76 -6.58
C SER A 99 -36.07 12.57 -7.13
N SER A 100 -36.49 13.58 -6.38
CA SER A 100 -37.55 14.49 -6.80
C SER A 100 -37.18 15.93 -6.43
N VAL A 101 -35.93 16.31 -6.68
CA VAL A 101 -35.39 17.58 -6.23
C VAL A 101 -34.89 18.35 -7.45
N PRO A 102 -35.19 19.65 -7.58
CA PRO A 102 -34.71 20.41 -8.74
C PRO A 102 -33.21 20.72 -8.68
N GLU A 103 -32.73 21.49 -9.65
CA GLU A 103 -31.31 21.80 -9.73
C GLU A 103 -30.89 22.79 -8.66
N GLN A 104 -31.77 23.75 -8.33
CA GLN A 104 -31.40 24.83 -7.42
C GLN A 104 -31.06 24.30 -6.03
N GLN A 105 -31.84 23.33 -5.53
CA GLN A 105 -31.58 22.80 -4.20
C GLN A 105 -30.23 22.10 -4.13
N ILE A 106 -29.90 21.28 -5.13
CA ILE A 106 -28.62 20.59 -5.15
C ILE A 106 -27.48 21.59 -5.25
N THR A 107 -27.62 22.61 -6.11
CA THR A 107 -26.56 23.61 -6.25
C THR A 107 -26.34 24.36 -4.94
N ALA A 108 -27.43 24.78 -4.29
CA ALA A 108 -27.31 25.50 -3.03
C ALA A 108 -26.70 24.63 -1.95
N TYR A 109 -27.09 23.36 -1.88
CA TYR A 109 -26.53 22.45 -0.88
C TYR A 109 -25.04 22.26 -1.08
N LEU A 110 -24.62 22.06 -2.34
CA LEU A 110 -23.20 21.91 -2.63
C LEU A 110 -22.43 23.18 -2.29
N SER A 111 -22.99 24.34 -2.64
CA SER A 111 -22.31 25.60 -2.32
C SER A 111 -22.19 25.81 -0.81
N ARG A 112 -23.24 25.48 -0.06
CA ARG A 112 -23.20 25.63 1.38
C ARG A 112 -22.16 24.70 2.01
N ILE A 113 -22.07 23.46 1.52
CA ILE A 113 -21.09 22.54 2.07
C ILE A 113 -19.67 22.98 1.73
N GLN A 114 -19.44 23.42 0.49
CA GLN A 114 -18.09 23.73 0.06
C GLN A 114 -17.69 25.17 0.32
N ARG A 115 -18.62 26.12 0.21
CA ARG A 115 -18.33 27.55 0.42
C ARG A 115 -19.23 28.04 1.55
N GLY A 116 -18.75 27.94 2.78
CA GLY A 116 -19.55 28.31 3.93
C GLY A 116 -19.01 29.49 4.72
N GLY A 117 -17.72 29.79 4.54
CA GLY A 117 -17.12 30.91 5.22
C GLY A 117 -17.12 30.81 6.72
N TYR A 118 -16.73 29.65 7.26
CA TYR A 118 -16.68 29.45 8.71
C TYR A 118 -15.56 28.47 9.02
N ILE A 119 -14.61 28.88 9.85
CA ILE A 119 -13.48 28.04 10.21
C ILE A 119 -13.49 27.80 11.71
N GLN A 120 -12.75 26.78 12.13
CA GLN A 120 -12.61 26.46 13.54
C GLN A 120 -11.73 27.48 14.25
N PRO A 121 -12.03 27.81 15.51
CA PRO A 121 -11.29 28.85 16.23
C PRO A 121 -10.03 28.34 16.93
N PHE A 122 -9.20 27.60 16.21
CA PHE A 122 -7.87 27.23 16.71
C PHE A 122 -6.77 27.66 15.75
N GLY A 123 -7.11 28.31 14.65
CA GLY A 123 -6.13 28.84 13.73
C GLY A 123 -6.76 29.91 12.86
N CYS A 124 -5.92 30.75 12.28
CA CYS A 124 -6.41 31.84 11.45
C CYS A 124 -6.24 31.53 9.97
N MET A 125 -6.98 32.27 9.15
CA MET A 125 -6.97 32.08 7.70
C MET A 125 -6.82 33.43 7.02
N ILE A 126 -5.91 33.50 6.05
CA ILE A 126 -5.70 34.71 5.27
C ILE A 126 -5.55 34.34 3.80
N ALA A 127 -6.31 34.99 2.93
CA ALA A 127 -6.22 34.76 1.50
C ALA A 127 -5.66 36.01 0.83
N VAL A 128 -4.75 35.81 -0.12
CA VAL A 128 -4.08 36.91 -0.80
C VAL A 128 -4.15 36.67 -2.30
N ASP A 129 -3.79 37.70 -3.06
CA ASP A 129 -3.72 37.66 -4.51
C ASP A 129 -2.28 37.39 -4.93
N GLU A 130 -2.10 36.44 -5.86
CA GLU A 130 -0.76 36.06 -6.28
C GLU A 130 -0.02 37.20 -6.96
N SER A 131 -0.73 38.22 -7.45
CA SER A 131 -0.08 39.27 -8.23
C SER A 131 0.82 40.13 -7.37
N SER A 132 0.25 40.79 -6.35
CA SER A 132 0.98 41.81 -5.61
C SER A 132 0.85 41.63 -4.10
N PHE A 133 0.71 40.39 -3.64
CA PHE A 133 0.71 40.06 -2.22
C PHE A 133 -0.32 40.90 -1.45
N ARG A 134 -1.53 40.99 -1.99
CA ARG A 134 -2.58 41.84 -1.46
C ARG A 134 -3.69 40.99 -0.86
N ILE A 135 -4.08 41.32 0.37
CA ILE A 135 -5.09 40.55 1.07
C ILE A 135 -6.46 40.78 0.44
N ILE A 136 -7.18 39.70 0.16
CA ILE A 136 -8.51 39.76 -0.42
C ILE A 136 -9.55 39.07 0.45
N GLY A 137 -9.17 38.65 1.65
CA GLY A 137 -10.10 38.00 2.55
C GLY A 137 -9.40 37.44 3.79
N TYR A 138 -10.06 37.48 4.94
CA TYR A 138 -9.38 37.00 6.14
C TYR A 138 -10.39 36.64 7.21
N SER A 139 -9.93 35.84 8.18
CA SER A 139 -10.73 35.53 9.34
C SER A 139 -10.55 36.59 10.42
N GLU A 140 -11.58 36.76 11.25
CA GLU A 140 -11.54 37.79 12.28
C GLU A 140 -10.45 37.53 13.30
N ASN A 141 -10.43 36.32 13.87
CA ASN A 141 -9.51 36.01 14.96
C ASN A 141 -8.05 36.19 14.57
N ALA A 142 -7.75 36.37 13.29
CA ALA A 142 -6.40 36.69 12.88
C ALA A 142 -5.89 37.92 13.63
N ARG A 143 -6.71 38.96 13.72
CA ARG A 143 -6.32 40.15 14.49
C ARG A 143 -6.05 39.77 15.94
N GLU A 144 -6.85 38.85 16.49
CA GLU A 144 -6.55 38.30 17.81
C GLU A 144 -5.22 37.56 17.80
N MET A 145 -5.02 36.69 16.81
CA MET A 145 -3.92 35.73 16.87
C MET A 145 -2.58 36.39 16.60
N LEU A 146 -2.50 37.25 15.59
CA LEU A 146 -1.22 37.83 15.21
C LEU A 146 -0.75 38.92 16.16
N GLY A 147 -1.62 39.37 17.07
CA GLY A 147 -1.25 40.42 17.99
C GLY A 147 -1.20 41.81 17.40
N ILE A 148 -1.87 42.03 16.25
CA ILE A 148 -1.79 43.32 15.56
C ILE A 148 -2.46 44.42 16.37
N MET A 149 -3.56 44.10 17.06
CA MET A 149 -4.35 45.13 17.72
C MET A 149 -3.52 45.82 18.81
N PRO A 150 -3.77 47.10 19.09
CA PRO A 150 -3.14 47.80 20.22
C PRO A 150 -3.47 47.14 21.55
N PRO A 159 -3.94 53.88 9.61
CA PRO A 159 -3.02 53.31 10.60
C PRO A 159 -3.28 51.82 10.86
N GLU A 160 -4.39 51.32 10.32
CA GLU A 160 -4.73 49.92 10.49
C GLU A 160 -3.69 49.03 9.81
N ILE A 161 -3.22 48.01 10.54
CA ILE A 161 -2.23 47.09 9.99
C ILE A 161 -2.86 45.85 9.37
N LEU A 162 -4.12 45.54 9.70
CA LEU A 162 -4.86 44.45 9.07
C LEU A 162 -6.16 45.06 8.51
N ALA A 163 -6.06 45.62 7.31
CA ALA A 163 -7.21 46.12 6.57
C ALA A 163 -7.11 45.60 5.16
N MET A 164 -8.26 45.39 4.51
CA MET A 164 -8.27 44.75 3.21
C MET A 164 -7.55 45.60 2.18
N GLY A 165 -6.72 44.95 1.36
CA GLY A 165 -5.89 45.64 0.41
C GLY A 165 -4.48 45.93 0.87
N THR A 166 -4.08 45.43 2.03
CA THR A 166 -2.75 45.70 2.57
C THR A 166 -1.73 44.76 1.93
N ASP A 167 -0.50 44.80 2.45
CA ASP A 167 0.56 43.91 2.02
C ASP A 167 0.75 42.83 3.09
N VAL A 168 0.56 41.57 2.70
CA VAL A 168 0.66 40.46 3.64
C VAL A 168 2.09 40.25 4.13
N ARG A 169 3.08 40.83 3.46
CA ARG A 169 4.47 40.69 3.88
C ARG A 169 4.83 41.63 5.03
N SER A 170 3.94 42.55 5.40
CA SER A 170 4.16 43.45 6.52
C SER A 170 3.57 42.92 7.81
N LEU A 171 3.00 41.73 7.80
CA LEU A 171 2.44 41.10 8.99
C LEU A 171 3.42 40.20 9.72
N PHE A 172 4.41 39.66 9.02
CA PHE A 172 5.42 38.78 9.59
C PHE A 172 6.77 39.48 9.58
N THR A 173 7.79 38.76 10.04
CA THR A 173 9.14 39.29 10.05
C THR A 173 9.73 39.32 8.64
N SER A 174 10.87 39.98 8.51
CA SER A 174 11.51 40.12 7.21
C SER A 174 11.91 38.77 6.63
N SER A 175 12.55 37.92 7.45
CA SER A 175 12.94 36.60 6.98
C SER A 175 11.72 35.75 6.65
N SER A 176 10.68 35.84 7.48
CA SER A 176 9.44 35.13 7.18
C SER A 176 8.82 35.63 5.88
N SER A 177 8.88 36.95 5.64
CA SER A 177 8.36 37.49 4.39
C SER A 177 9.15 36.98 3.20
N ILE A 178 10.48 36.89 3.33
CA ILE A 178 11.30 36.39 2.23
C ILE A 178 10.98 34.93 1.94
N LEU A 179 10.84 34.12 2.99
CA LEU A 179 10.48 32.72 2.81
C LEU A 179 9.10 32.60 2.17
N LEU A 180 8.15 33.45 2.58
CA LEU A 180 6.83 33.44 1.97
C LEU A 180 6.90 33.79 0.49
N GLU A 181 7.71 34.80 0.13
CA GLU A 181 7.86 35.15 -1.28
C GLU A 181 8.47 34.01 -2.08
N ARG A 182 9.47 33.34 -1.53
CA ARG A 182 10.06 32.21 -2.23
C ARG A 182 9.07 31.07 -2.40
N ALA A 183 8.24 30.81 -1.38
CA ALA A 183 7.21 29.80 -1.52
C ALA A 183 6.05 30.25 -2.41
N PHE A 184 5.95 31.54 -2.71
CA PHE A 184 4.83 32.05 -3.49
C PHE A 184 5.05 31.85 -4.99
N VAL A 185 6.06 32.50 -5.54
CA VAL A 185 6.40 32.30 -6.94
C VAL A 185 7.08 30.93 -7.06
N ALA A 186 6.38 30.00 -7.70
CA ALA A 186 6.79 28.61 -7.65
C ALA A 186 6.34 27.91 -8.93
N ARG A 187 6.28 26.59 -8.89
CA ARG A 187 5.98 25.76 -10.04
C ARG A 187 5.04 24.67 -9.56
N GLU A 188 4.93 23.59 -10.34
CA GLU A 188 3.99 22.51 -10.00
C GLU A 188 4.26 21.96 -8.60
N ILE A 189 5.49 22.01 -8.12
CA ILE A 189 5.84 21.56 -6.78
C ILE A 189 6.78 22.58 -6.14
N THR A 190 6.55 22.88 -4.88
CA THR A 190 7.40 23.78 -4.10
C THR A 190 7.87 23.05 -2.84
N LEU A 191 9.07 23.45 -2.37
CA LEU A 191 9.72 22.75 -1.27
C LEU A 191 9.64 23.51 0.04
N LEU A 192 8.76 24.51 0.15
CA LEU A 192 8.50 25.19 1.42
C LEU A 192 6.99 25.19 1.62
N ASN A 193 6.47 24.07 2.12
CA ASN A 193 5.05 23.88 2.34
C ASN A 193 4.84 22.72 3.30
N PRO A 194 4.62 22.96 4.60
CA PRO A 194 4.37 24.24 5.28
C PRO A 194 5.63 25.02 5.64
N VAL A 195 5.47 26.28 6.00
CA VAL A 195 6.57 27.13 6.41
C VAL A 195 6.45 27.41 7.90
N TRP A 196 7.58 27.65 8.54
CA TRP A 196 7.66 28.00 9.96
C TRP A 196 8.02 29.48 10.06
N ILE A 197 7.06 30.30 10.46
CA ILE A 197 7.24 31.75 10.42
C ILE A 197 6.97 32.34 11.81
N HIS A 198 7.29 33.63 11.95
CA HIS A 198 7.12 34.36 13.20
C HIS A 198 6.36 35.64 12.92
N SER A 199 5.42 35.98 13.79
CA SER A 199 4.68 37.22 13.65
C SER A 199 5.56 38.42 13.97
N LYS A 200 5.17 39.57 13.41
CA LYS A 200 6.01 40.77 13.52
C LYS A 200 6.03 41.32 14.95
N ASN A 201 4.85 41.45 15.56
CA ASN A 201 4.75 42.14 16.84
C ASN A 201 5.19 41.26 18.00
N THR A 202 4.48 40.14 18.21
CA THR A 202 4.77 39.30 19.38
C THR A 202 5.95 38.38 19.11
N GLY A 203 5.85 37.52 18.09
CA GLY A 203 6.87 36.54 17.83
C GLY A 203 6.33 35.13 17.96
N LYS A 204 5.02 34.99 17.80
CA LYS A 204 4.40 33.67 17.94
C LYS A 204 4.84 32.76 16.80
N PRO A 205 5.39 31.59 17.10
CA PRO A 205 5.76 30.65 16.02
C PRO A 205 4.51 30.06 15.38
N PHE A 206 4.42 30.18 14.05
CA PHE A 206 3.25 29.76 13.32
C PHE A 206 3.65 28.77 12.23
N TYR A 207 2.87 27.69 12.12
CA TYR A 207 2.93 26.80 10.98
C TYR A 207 1.96 27.32 9.93
N ALA A 208 2.48 27.68 8.75
CA ALA A 208 1.67 28.23 7.67
C ALA A 208 1.58 27.21 6.55
N ILE A 209 0.35 26.80 6.23
CA ILE A 209 0.09 25.87 5.14
C ILE A 209 -0.57 26.64 4.02
N LEU A 210 0.04 26.60 2.83
CA LEU A 210 -0.44 27.37 1.69
C LEU A 210 -1.05 26.44 0.65
N HIS A 211 -2.19 26.82 0.11
CA HIS A 211 -2.79 26.11 -1.01
C HIS A 211 -3.44 27.12 -1.94
N ARG A 212 -3.87 26.64 -3.11
CA ARG A 212 -4.28 27.51 -4.20
C ARG A 212 -5.77 27.35 -4.48
N ILE A 213 -6.46 28.48 -4.62
CA ILE A 213 -7.86 28.48 -5.04
C ILE A 213 -7.94 29.26 -6.36
N ASP A 214 -9.15 29.37 -6.91
CA ASP A 214 -9.32 29.95 -8.23
C ASP A 214 -9.06 31.45 -8.28
N VAL A 215 -8.94 32.13 -7.14
CA VAL A 215 -8.72 33.56 -7.13
C VAL A 215 -7.42 33.97 -6.44
N GLY A 216 -6.81 33.12 -5.65
CA GLY A 216 -5.58 33.51 -4.97
C GLY A 216 -5.00 32.36 -4.18
N VAL A 217 -4.20 32.72 -3.17
CA VAL A 217 -3.53 31.76 -2.31
C VAL A 217 -4.14 31.85 -0.91
N VAL A 218 -4.52 30.70 -0.35
CA VAL A 218 -5.09 30.61 0.98
C VAL A 218 -4.01 30.09 1.92
N ILE A 219 -3.79 30.80 3.02
CA ILE A 219 -2.80 30.45 4.03
C ILE A 219 -3.55 30.14 5.32
N ASP A 220 -3.38 28.93 5.81
CA ASP A 220 -3.87 28.56 7.13
C ASP A 220 -2.72 28.64 8.12
N LEU A 221 -2.87 29.49 9.14
CA LEU A 221 -1.85 29.70 10.15
C LEU A 221 -2.29 29.03 11.45
N GLU A 222 -1.50 28.07 11.92
CA GLU A 222 -1.79 27.36 13.14
C GLU A 222 -0.68 27.60 14.16
N PRO A 223 -1.01 27.94 15.40
CA PRO A 223 0.02 28.19 16.40
C PRO A 223 0.82 26.93 16.70
N ALA A 224 2.10 27.13 17.01
CA ALA A 224 2.99 26.05 17.36
C ALA A 224 3.48 26.23 18.80
N ARG A 225 4.18 25.23 19.30
CA ARG A 225 4.70 25.26 20.67
C ARG A 225 6.00 26.05 20.70
N THR A 226 6.10 26.99 21.64
CA THR A 226 7.30 27.81 21.77
C THR A 226 8.32 27.06 22.62
N GLU A 227 9.38 26.57 21.98
CA GLU A 227 10.39 25.78 22.66
C GLU A 227 11.66 25.78 21.81
N ASP A 228 12.66 25.06 22.29
CA ASP A 228 13.91 24.91 21.55
C ASP A 228 13.64 24.19 20.23
N PRO A 229 14.16 24.69 19.11
CA PRO A 229 13.90 24.01 17.82
C PRO A 229 14.35 22.56 17.78
N ALA A 230 15.36 22.19 18.58
CA ALA A 230 15.76 20.79 18.64
C ALA A 230 14.61 19.90 19.09
N LEU A 231 13.85 20.35 20.09
CA LEU A 231 12.66 19.61 20.50
C LEU A 231 11.62 19.59 19.39
N SER A 232 11.53 20.66 18.60
CA SER A 232 10.59 20.67 17.48
C SER A 232 10.94 19.61 16.45
N ILE A 233 12.23 19.45 16.16
CA ILE A 233 12.65 18.40 15.22
C ILE A 233 12.44 17.02 15.83
N ALA A 234 12.72 16.88 17.13
CA ALA A 234 12.55 15.59 17.79
C ALA A 234 11.10 15.14 17.79
N GLY A 235 10.16 16.07 18.02
CA GLY A 235 8.75 15.74 18.00
C GLY A 235 8.23 15.26 16.67
N ALA A 236 8.95 15.52 15.59
CA ALA A 236 8.63 14.98 14.27
C ALA A 236 9.35 13.68 13.98
N VAL A 237 10.64 13.59 14.31
CA VAL A 237 11.38 12.37 14.01
C VAL A 237 10.85 11.19 14.84
N GLN A 238 10.49 11.43 16.10
CA GLN A 238 9.94 10.36 16.93
C GLN A 238 8.58 9.90 16.40
N SER A 239 7.73 10.85 16.01
CA SER A 239 6.41 10.49 15.50
C SER A 239 6.51 9.75 14.17
N GLN A 240 7.51 10.06 13.35
CA GLN A 240 7.69 9.31 12.12
C GLN A 240 8.26 7.92 12.38
N LYS A 241 9.19 7.80 13.32
CA LYS A 241 9.77 6.49 13.64
C LYS A 241 8.74 5.56 14.25
N LEU A 242 7.79 6.09 15.02
CA LEU A 242 6.72 5.23 15.56
C LEU A 242 5.89 4.64 14.43
N ALA A 243 5.55 5.45 13.42
CA ALA A 243 4.80 4.94 12.28
C ALA A 243 5.63 3.94 11.48
N VAL A 244 6.93 4.17 11.37
CA VAL A 244 7.80 3.21 10.68
C VAL A 244 7.80 1.87 11.40
N ARG A 245 7.89 1.90 12.74
CA ARG A 245 7.83 0.66 13.51
C ARG A 245 6.48 -0.03 13.33
N ALA A 246 5.39 0.74 13.31
CA ALA A 246 4.07 0.14 13.10
C ALA A 246 3.99 -0.53 11.74
N ILE A 247 4.52 0.11 10.70
CA ILE A 247 4.52 -0.50 9.37
C ILE A 247 5.34 -1.78 9.36
N SER A 248 6.52 -1.75 9.99
CA SER A 248 7.37 -2.92 10.03
C SER A 248 6.69 -4.08 10.75
N GLN A 249 5.99 -3.78 11.85
CA GLN A 249 5.23 -4.82 12.54
C GLN A 249 4.07 -5.32 11.68
N LEU A 250 3.48 -4.45 10.88
CA LEU A 250 2.43 -4.88 9.96
C LEU A 250 2.96 -5.82 8.89
N GLN A 251 4.22 -5.63 8.46
CA GLN A 251 4.79 -6.47 7.41
C GLN A 251 4.87 -7.93 7.87
N ALA A 252 5.47 -8.16 9.04
CA ALA A 252 5.69 -9.52 9.54
C ALA A 252 4.41 -10.07 10.17
N LEU A 253 3.45 -10.37 9.30
CA LEU A 253 2.16 -10.90 9.73
C LEU A 253 1.79 -12.12 8.89
N PRO A 254 1.27 -13.16 9.50
CA PRO A 254 0.80 -14.32 8.72
C PRO A 254 -0.39 -13.93 7.85
N GLY A 255 -0.19 -14.00 6.54
CA GLY A 255 -1.19 -13.53 5.61
C GLY A 255 -2.41 -14.45 5.55
N GLY A 256 -3.44 -13.93 4.89
CA GLY A 256 -4.68 -14.66 4.70
C GLY A 256 -5.82 -14.28 5.63
N ASP A 257 -5.61 -13.32 6.53
CA ASP A 257 -6.64 -12.88 7.45
C ASP A 257 -6.73 -11.36 7.44
N ILE A 258 -7.95 -10.85 7.32
CA ILE A 258 -8.18 -9.42 7.37
C ILE A 258 -8.44 -8.93 8.79
N LYS A 259 -9.11 -9.75 9.61
CA LYS A 259 -9.45 -9.35 10.97
C LYS A 259 -8.19 -9.07 11.79
N LEU A 260 -7.17 -9.92 11.66
CA LEU A 260 -5.93 -9.68 12.38
C LEU A 260 -5.26 -8.39 11.92
N LEU A 261 -5.31 -8.12 10.62
CA LEU A 261 -4.74 -6.87 10.10
C LEU A 261 -5.44 -5.66 10.71
N CYS A 262 -6.77 -5.68 10.74
CA CYS A 262 -7.50 -4.55 11.31
C CYS A 262 -7.23 -4.41 12.81
N ASP A 263 -7.18 -5.53 13.53
CA ASP A 263 -6.94 -5.48 14.96
C ASP A 263 -5.53 -5.00 15.29
N THR A 264 -4.58 -5.26 14.41
CA THR A 264 -3.24 -4.69 14.60
C THR A 264 -3.23 -3.20 14.28
N VAL A 265 -3.93 -2.80 13.22
CA VAL A 265 -3.92 -1.40 12.80
C VAL A 265 -4.55 -0.51 13.86
N VAL A 266 -5.66 -0.95 14.46
CA VAL A 266 -6.31 -0.11 15.47
C VAL A 266 -5.39 0.12 16.66
N GLU A 267 -4.71 -0.94 17.13
CA GLU A 267 -3.81 -0.80 18.26
C GLU A 267 -2.62 0.09 17.92
N SER A 268 -2.05 -0.07 16.72
CA SER A 268 -0.94 0.79 16.32
C SER A 268 -1.37 2.25 16.25
N VAL A 269 -2.55 2.53 15.70
CA VAL A 269 -3.02 3.90 15.59
C VAL A 269 -3.27 4.50 16.96
N ARG A 270 -3.88 3.73 17.87
CA ARG A 270 -4.14 4.27 19.20
C ARG A 270 -2.85 4.51 19.97
N ASP A 271 -1.85 3.65 19.78
CA ASP A 271 -0.56 3.89 20.42
C ASP A 271 0.16 5.09 19.81
N LEU A 272 -0.09 5.38 18.52
CA LEU A 272 0.57 6.49 17.86
C LEU A 272 0.02 7.84 18.33
N THR A 273 -1.28 8.06 18.16
CA THR A 273 -1.86 9.36 18.49
C THR A 273 -2.14 9.47 19.99
N GLY A 274 -3.00 8.61 20.51
CA GLY A 274 -3.28 8.61 21.93
C GLY A 274 -4.68 9.07 22.30
N TYR A 275 -5.64 8.85 21.40
CA TYR A 275 -7.02 9.22 21.67
C TYR A 275 -7.65 8.23 22.65
N ASP A 276 -8.92 8.48 23.00
CA ASP A 276 -9.64 7.62 23.93
C ASP A 276 -10.45 6.53 23.26
N ARG A 277 -10.50 6.51 21.92
CA ARG A 277 -11.25 5.48 21.21
C ARG A 277 -10.81 5.48 19.77
N VAL A 278 -10.58 4.30 19.20
CA VAL A 278 -10.21 4.14 17.80
C VAL A 278 -11.06 3.03 17.19
N MET A 279 -11.65 3.30 16.03
CA MET A 279 -12.45 2.30 15.33
C MET A 279 -12.20 2.35 13.84
N VAL A 280 -12.51 1.24 13.17
CA VAL A 280 -12.39 1.12 11.72
C VAL A 280 -13.79 0.88 11.16
N TYR A 281 -14.19 1.74 10.22
CA TYR A 281 -15.46 1.61 9.51
C TYR A 281 -15.18 1.08 8.12
N LYS A 282 -15.91 0.05 7.71
CA LYS A 282 -15.84 -0.53 6.37
C LYS A 282 -17.15 -0.26 5.66
N PHE A 283 -17.07 0.16 4.40
CA PHE A 283 -18.26 0.46 3.61
C PHE A 283 -18.61 -0.72 2.71
N HIS A 284 -19.88 -1.11 2.73
CA HIS A 284 -20.35 -2.23 1.93
C HIS A 284 -20.75 -1.75 0.54
N GLU A 285 -21.36 -2.64 -0.25
CA GLU A 285 -21.82 -2.26 -1.58
C GLU A 285 -23.04 -1.35 -1.49
N ASP A 286 -23.89 -1.54 -0.48
CA ASP A 286 -25.04 -0.67 -0.27
C ASP A 286 -24.59 0.76 0.04
N GLU A 287 -23.31 0.92 0.43
CA GLU A 287 -22.68 2.17 0.84
C GLU A 287 -23.00 2.55 2.27
N HIS A 288 -23.50 1.62 3.07
CA HIS A 288 -23.60 1.84 4.51
C HIS A 288 -22.29 1.41 5.15
N GLY A 289 -22.20 1.50 6.48
CA GLY A 289 -20.94 1.25 7.16
C GLY A 289 -21.09 0.22 8.27
N GLU A 290 -19.96 -0.38 8.62
CA GLU A 290 -19.91 -1.35 9.70
C GLU A 290 -18.60 -1.19 10.45
N VAL A 291 -18.67 -1.23 11.78
CA VAL A 291 -17.47 -1.18 12.62
C VAL A 291 -16.88 -2.58 12.65
N VAL A 292 -15.62 -2.70 12.21
CA VAL A 292 -14.97 -4.01 12.13
C VAL A 292 -13.89 -4.20 13.18
N ALA A 293 -13.48 -3.14 13.87
CA ALA A 293 -12.49 -3.26 14.93
C ALA A 293 -12.66 -2.09 15.87
N GLU A 294 -12.13 -2.24 17.09
CA GLU A 294 -12.30 -1.22 18.12
C GLU A 294 -11.26 -1.41 19.20
N SER A 295 -10.77 -0.31 19.75
CA SER A 295 -9.84 -0.31 20.88
C SER A 295 -10.28 0.81 21.82
N LYS A 296 -11.17 0.50 22.75
CA LYS A 296 -11.76 1.48 23.64
C LYS A 296 -10.85 1.72 24.85
N ARG A 297 -11.40 2.35 25.89
CA ARG A 297 -10.64 2.71 27.09
C ARG A 297 -11.30 2.10 28.32
N ASP A 298 -11.62 0.81 28.26
CA ASP A 298 -12.14 0.03 29.38
C ASP A 298 -13.54 0.47 29.79
N ASP A 299 -13.66 1.61 30.46
CA ASP A 299 -14.96 2.01 30.99
C ASP A 299 -15.89 2.56 29.93
N LEU A 300 -15.38 2.88 28.73
CA LEU A 300 -16.23 3.37 27.66
C LEU A 300 -17.07 2.23 27.08
N GLU A 301 -18.27 2.57 26.65
CA GLU A 301 -19.17 1.58 26.08
C GLU A 301 -18.66 1.11 24.72
N PRO A 302 -18.63 -0.19 24.46
CA PRO A 302 -18.11 -0.67 23.17
C PRO A 302 -19.09 -0.42 22.03
N TYR A 303 -18.53 -0.29 20.83
CA TYR A 303 -19.32 -0.07 19.62
C TYR A 303 -19.06 -1.11 18.53
N ILE A 304 -18.23 -2.11 18.78
CA ILE A 304 -17.90 -3.08 17.74
C ILE A 304 -19.15 -3.85 17.33
N GLY A 305 -19.27 -4.13 16.04
CA GLY A 305 -20.44 -4.78 15.50
C GLY A 305 -21.57 -3.86 15.11
N LEU A 306 -21.42 -2.55 15.31
CA LEU A 306 -22.47 -1.61 14.98
C LEU A 306 -22.61 -1.44 13.47
N HIS A 307 -23.85 -1.26 13.03
CA HIS A 307 -24.17 -1.01 11.62
C HIS A 307 -25.01 0.26 11.55
N TYR A 308 -24.59 1.20 10.72
CA TYR A 308 -25.32 2.46 10.61
C TYR A 308 -25.69 2.73 9.16
N PRO A 309 -26.79 3.45 8.92
CA PRO A 309 -27.26 3.66 7.55
C PRO A 309 -26.25 4.42 6.70
N ALA A 310 -26.51 4.44 5.40
CA ALA A 310 -25.60 5.08 4.45
C ALA A 310 -25.70 6.60 4.52
N THR A 311 -26.86 7.13 4.89
CA THR A 311 -27.07 8.57 4.92
C THR A 311 -26.29 9.26 6.04
N ASP A 312 -25.72 8.51 6.98
CA ASP A 312 -24.98 9.14 8.07
C ASP A 312 -23.74 9.85 7.56
N ILE A 313 -23.15 9.38 6.47
CA ILE A 313 -22.00 10.02 5.84
C ILE A 313 -22.39 10.42 4.43
N PRO A 314 -22.70 11.69 4.20
CA PRO A 314 -23.12 12.12 2.87
C PRO A 314 -22.02 11.93 1.84
N GLN A 315 -22.44 11.79 0.58
CA GLN A 315 -21.50 11.51 -0.51
C GLN A 315 -20.50 12.64 -0.68
N ALA A 316 -20.94 13.89 -0.55
CA ALA A 316 -20.03 15.02 -0.65
C ALA A 316 -18.99 14.98 0.46
N SER A 317 -19.40 14.60 1.68
CA SER A 317 -18.44 14.45 2.77
C SER A 317 -17.47 13.33 2.49
N ARG A 318 -17.93 12.24 1.86
CA ARG A 318 -17.03 11.15 1.48
C ARG A 318 -16.00 11.63 0.46
N PHE A 319 -16.45 12.43 -0.52
CA PHE A 319 -15.51 12.99 -1.48
C PHE A 319 -14.47 13.87 -0.79
N LEU A 320 -14.91 14.73 0.12
CA LEU A 320 -13.97 15.58 0.83
C LEU A 320 -12.99 14.76 1.66
N PHE A 321 -13.47 13.71 2.32
CA PHE A 321 -12.58 12.83 3.06
C PHE A 321 -11.55 12.19 2.14
N LYS A 322 -11.97 11.83 0.93
CA LYS A 322 -11.03 11.28 -0.04
C LYS A 322 -10.03 12.32 -0.53
N GLN A 323 -10.40 13.61 -0.50
CA GLN A 323 -9.50 14.65 -1.00
C GLN A 323 -8.39 14.97 0.01
N ASN A 324 -8.75 15.49 1.19
CA ASN A 324 -7.77 15.72 2.24
C ASN A 324 -7.75 14.50 3.15
N ARG A 325 -6.59 13.87 3.27
CA ARG A 325 -6.53 12.52 3.82
C ARG A 325 -6.90 12.50 5.30
N VAL A 326 -6.35 13.43 6.08
CA VAL A 326 -6.58 13.48 7.52
C VAL A 326 -7.34 14.76 7.85
N ARG A 327 -8.51 14.61 8.44
CA ARG A 327 -9.35 15.74 8.83
C ARG A 327 -9.56 15.72 10.34
N MET A 328 -9.22 16.82 11.01
CA MET A 328 -9.25 16.88 12.46
C MET A 328 -10.22 17.96 12.92
N ILE A 329 -11.03 17.62 13.93
CA ILE A 329 -11.92 18.57 14.60
C ILE A 329 -11.47 18.66 16.04
N VAL A 330 -11.13 19.87 16.49
CA VAL A 330 -10.55 20.05 17.82
C VAL A 330 -11.64 20.06 18.87
N ASP A 331 -12.64 20.92 18.71
CA ASP A 331 -13.72 21.05 19.68
C ASP A 331 -15.04 21.15 18.94
N CYS A 332 -16.03 20.36 19.35
CA CYS A 332 -17.35 20.39 18.76
C CYS A 332 -18.28 21.41 19.41
N ASN A 333 -17.86 22.03 20.51
CA ASN A 333 -18.68 23.00 21.23
C ASN A 333 -18.18 24.43 21.10
N ALA A 334 -17.08 24.64 20.37
CA ALA A 334 -16.55 25.98 20.22
C ALA A 334 -17.39 26.79 19.24
N THR A 335 -17.16 28.10 19.23
CA THR A 335 -17.90 29.00 18.36
C THR A 335 -17.17 29.16 17.05
N PRO A 336 -17.80 28.87 15.91
CA PRO A 336 -17.13 29.04 14.62
C PRO A 336 -16.85 30.51 14.34
N VAL A 337 -15.83 30.75 13.52
CA VAL A 337 -15.32 32.09 13.24
C VAL A 337 -15.69 32.47 11.81
N LEU A 338 -16.26 33.67 11.65
CA LEU A 338 -16.64 34.18 10.34
C LEU A 338 -15.40 34.60 9.54
N VAL A 339 -15.55 34.60 8.22
CA VAL A 339 -14.51 35.03 7.30
C VAL A 339 -15.04 36.21 6.50
N VAL A 340 -14.35 37.34 6.58
CA VAL A 340 -14.75 38.54 5.85
C VAL A 340 -14.08 38.52 4.47
N GLN A 341 -14.83 38.97 3.47
CA GLN A 341 -14.43 38.87 2.07
C GLN A 341 -14.46 40.24 1.40
N ASP A 342 -14.30 40.26 0.07
CA ASP A 342 -14.27 41.47 -0.72
C ASP A 342 -15.59 41.70 -1.43
N ASP A 343 -15.83 42.95 -1.80
CA ASP A 343 -17.04 43.30 -2.54
C ASP A 343 -16.97 42.89 -4.00
N ARG A 344 -15.77 42.92 -4.59
CA ARG A 344 -15.63 42.61 -6.01
C ARG A 344 -15.79 41.13 -6.29
N LEU A 345 -15.43 40.27 -5.33
CA LEU A 345 -15.53 38.83 -5.54
C LEU A 345 -16.98 38.41 -5.74
N THR A 346 -17.21 37.55 -6.73
CA THR A 346 -18.57 37.12 -7.06
C THR A 346 -19.13 36.19 -6.01
N GLN A 347 -18.49 35.04 -5.82
CA GLN A 347 -18.96 34.04 -4.87
C GLN A 347 -18.02 33.95 -3.68
N SER A 348 -18.49 33.28 -2.64
CA SER A 348 -17.73 33.17 -1.40
C SER A 348 -16.47 32.32 -1.61
N MET A 349 -15.63 32.30 -0.59
CA MET A 349 -14.37 31.58 -0.66
C MET A 349 -14.61 30.07 -0.75
N CYS A 350 -13.66 29.37 -1.37
CA CYS A 350 -13.69 27.93 -1.46
C CYS A 350 -12.81 27.34 -0.36
N LEU A 351 -13.45 26.76 0.65
CA LEU A 351 -12.75 26.12 1.76
C LEU A 351 -12.71 24.60 1.57
N VAL A 352 -12.62 24.17 0.31
CA VAL A 352 -12.62 22.74 -0.01
C VAL A 352 -11.29 22.07 0.30
N GLY A 353 -10.24 22.84 0.56
CA GLY A 353 -8.94 22.25 0.83
C GLY A 353 -8.28 22.79 2.09
N SER A 354 -8.94 23.74 2.74
CA SER A 354 -8.41 24.32 3.97
C SER A 354 -8.54 23.32 5.11
N THR A 355 -7.48 23.19 5.90
CA THR A 355 -7.47 22.30 7.06
C THR A 355 -8.17 22.90 8.26
N LEU A 356 -8.85 24.04 8.10
CA LEU A 356 -9.55 24.70 9.19
C LEU A 356 -11.06 24.74 9.00
N ARG A 357 -11.58 24.11 7.95
CA ARG A 357 -13.00 24.19 7.66
C ARG A 357 -13.82 23.63 8.82
N ALA A 358 -14.82 24.39 9.24
CA ALA A 358 -15.66 23.98 10.37
C ALA A 358 -16.70 22.96 9.91
N PRO A 359 -16.98 21.95 10.72
CA PRO A 359 -18.02 20.99 10.36
C PRO A 359 -19.39 21.64 10.40
N HIS A 360 -20.31 21.08 9.61
CA HIS A 360 -21.67 21.59 9.58
C HIS A 360 -22.35 21.34 10.93
N GLY A 361 -23.42 22.08 11.20
CA GLY A 361 -24.09 21.99 12.48
C GLY A 361 -24.60 20.61 12.81
N CYS A 362 -24.98 19.83 11.79
CA CYS A 362 -25.50 18.49 12.03
C CYS A 362 -24.47 17.59 12.69
N HIS A 363 -23.25 17.56 12.14
CA HIS A 363 -22.22 16.70 12.72
C HIS A 363 -21.76 17.21 14.08
N SER A 364 -21.71 18.53 14.26
CA SER A 364 -21.35 19.08 15.56
C SER A 364 -22.37 18.65 16.62
N GLN A 365 -23.67 18.73 16.28
CA GLN A 365 -24.70 18.28 17.20
C GLN A 365 -24.59 16.79 17.47
N TYR A 366 -24.32 16.00 16.44
CA TYR A 366 -24.17 14.55 16.62
C TYR A 366 -23.02 14.24 17.57
N MET A 367 -21.86 14.87 17.37
CA MET A 367 -20.71 14.61 18.21
C MET A 367 -20.97 15.06 19.65
N ALA A 368 -21.62 16.22 19.82
CA ALA A 368 -21.95 16.69 21.16
C ALA A 368 -22.91 15.73 21.86
N ASN A 369 -23.90 15.22 21.14
CA ASN A 369 -24.88 14.34 21.75
C ASN A 369 -24.27 13.00 22.13
N MET A 370 -23.47 12.41 21.24
CA MET A 370 -22.98 11.05 21.47
C MET A 370 -21.89 10.98 22.52
N GLY A 371 -21.11 12.05 22.71
CA GLY A 371 -20.14 12.13 23.78
C GLY A 371 -18.77 12.62 23.37
N SER A 372 -18.42 12.54 22.10
CA SER A 372 -17.11 12.97 21.66
C SER A 372 -17.03 14.49 21.57
N ILE A 373 -15.85 15.03 21.89
CA ILE A 373 -15.59 16.45 21.73
C ILE A 373 -14.57 16.73 20.64
N ALA A 374 -13.64 15.83 20.39
CA ALA A 374 -12.67 15.94 19.32
C ALA A 374 -12.82 14.77 18.36
N SER A 375 -12.14 14.85 17.23
CA SER A 375 -12.20 13.78 16.23
C SER A 375 -11.03 13.92 15.28
N LEU A 376 -10.64 12.79 14.68
CA LEU A 376 -9.55 12.77 13.70
C LEU A 376 -9.82 11.59 12.76
N ALA A 377 -10.27 11.90 11.55
CA ALA A 377 -10.70 10.91 10.58
C ALA A 377 -9.70 10.80 9.45
N MET A 378 -9.35 9.57 9.10
CA MET A 378 -8.42 9.27 8.02
C MET A 378 -9.09 8.35 7.01
N ALA A 379 -8.63 8.41 5.76
CA ALA A 379 -9.25 7.70 4.65
C ALA A 379 -8.45 6.46 4.30
N VAL A 380 -9.17 5.37 4.02
CA VAL A 380 -8.58 4.12 3.55
C VAL A 380 -8.92 3.98 2.07
N ILE A 381 -7.89 4.05 1.22
CA ILE A 381 -8.07 4.11 -0.22
C ILE A 381 -7.39 2.88 -0.84
N ILE A 382 -8.14 2.19 -1.70
CA ILE A 382 -7.60 1.05 -2.45
C ILE A 382 -7.72 1.37 -3.94
N ASN A 383 -7.20 0.47 -4.78
CA ASN A 383 -7.21 0.65 -6.22
C ASN A 383 -8.34 -0.19 -6.80
N GLY A 384 -9.30 0.48 -7.44
CA GLY A 384 -10.44 -0.19 -8.05
C GLY A 384 -10.32 -0.23 -9.56
N ASN A 385 -10.85 -1.28 -10.16
CA ASN A 385 -10.82 -1.45 -11.60
C ASN A 385 -12.22 -1.57 -12.18
N SER A 397 -4.73 4.31 -11.30
CA SER A 397 -5.86 4.39 -12.21
C SER A 397 -7.06 5.05 -11.53
N SER A 398 -7.88 4.24 -10.87
CA SER A 398 -9.06 4.71 -10.15
C SER A 398 -8.96 4.31 -8.70
N MET A 399 -9.22 5.26 -7.81
CA MET A 399 -9.14 5.04 -6.37
C MET A 399 -10.53 4.90 -5.77
N ARG A 400 -10.63 4.05 -4.75
CA ARG A 400 -11.89 3.74 -4.11
C ARG A 400 -11.75 3.85 -2.59
N LEU A 401 -12.78 4.37 -1.94
CA LEU A 401 -12.78 4.56 -0.49
C LEU A 401 -13.36 3.30 0.14
N TRP A 402 -12.49 2.47 0.73
CA TRP A 402 -12.94 1.25 1.39
C TRP A 402 -13.56 1.53 2.75
N GLY A 403 -13.09 2.55 3.44
CA GLY A 403 -13.59 2.86 4.76
C GLY A 403 -12.76 3.95 5.41
N LEU A 404 -12.91 4.06 6.73
CA LEU A 404 -12.22 5.08 7.49
C LEU A 404 -11.65 4.48 8.76
N VAL A 405 -10.65 5.15 9.32
CA VAL A 405 -10.13 4.87 10.65
C VAL A 405 -10.30 6.15 11.45
N VAL A 406 -11.15 6.10 12.48
CA VAL A 406 -11.59 7.30 13.19
C VAL A 406 -11.21 7.18 14.66
N CYS A 407 -10.60 8.25 15.18
CA CYS A 407 -10.25 8.36 16.59
C CYS A 407 -11.15 9.41 17.23
N HIS A 408 -11.73 9.05 18.37
CA HIS A 408 -12.59 9.93 19.16
C HIS A 408 -12.03 10.11 20.55
N HIS A 409 -12.24 11.30 21.10
CA HIS A 409 -11.79 11.68 22.43
C HIS A 409 -12.99 12.14 23.25
N THR A 410 -12.73 12.63 24.46
CA THR A 410 -13.77 13.14 25.34
C THR A 410 -13.46 14.55 25.84
N SER A 411 -12.61 15.28 25.13
CA SER A 411 -12.24 16.65 25.48
C SER A 411 -11.52 17.25 24.26
N SER A 412 -11.13 18.51 24.36
CA SER A 412 -10.41 19.14 23.27
C SER A 412 -9.04 18.50 23.10
N ARG A 413 -8.62 18.33 21.84
CA ARG A 413 -7.35 17.68 21.54
C ARG A 413 -6.89 18.14 20.18
N CYS A 414 -5.74 18.80 20.12
CA CYS A 414 -5.15 19.27 18.87
C CYS A 414 -3.72 18.76 18.78
N ILE A 415 -3.50 17.75 17.94
CA ILE A 415 -2.19 17.15 17.76
C ILE A 415 -1.39 18.00 16.78
N PRO A 416 -0.05 17.98 16.85
CA PRO A 416 0.75 18.80 15.92
C PRO A 416 0.68 18.30 14.49
N PHE A 417 1.44 18.93 13.60
CA PHE A 417 1.36 18.66 12.17
C PHE A 417 2.06 17.36 11.75
N PRO A 418 3.29 17.08 12.22
CA PRO A 418 3.95 15.84 11.77
C PRO A 418 3.19 14.56 12.09
N LEU A 419 2.41 14.56 13.17
CA LEU A 419 1.63 13.36 13.51
C LEU A 419 0.62 13.03 12.42
N ARG A 420 0.03 14.06 11.81
CA ARG A 420 -0.92 13.83 10.73
C ARG A 420 -0.25 13.17 9.53
N TYR A 421 0.96 13.62 9.19
CA TYR A 421 1.69 13.00 8.08
C TYR A 421 2.07 11.55 8.41
N ALA A 422 2.48 11.28 9.64
CA ALA A 422 2.78 9.91 10.04
C ALA A 422 1.54 9.03 9.93
N CYS A 423 0.39 9.54 10.35
CA CYS A 423 -0.85 8.79 10.22
C CYS A 423 -1.19 8.53 8.75
N GLU A 424 -0.95 9.50 7.88
CA GLU A 424 -1.18 9.30 6.45
C GLU A 424 -0.29 8.19 5.90
N PHE A 425 0.98 8.18 6.31
CA PHE A 425 1.90 7.12 5.90
C PHE A 425 1.37 5.75 6.33
N LEU A 426 0.97 5.64 7.60
CA LEU A 426 0.45 4.38 8.10
C LEU A 426 -0.80 3.96 7.34
N MET A 427 -1.66 4.92 6.99
CA MET A 427 -2.87 4.60 6.24
C MET A 427 -2.55 4.09 4.84
N GLN A 428 -1.54 4.67 4.20
CA GLN A 428 -1.13 4.18 2.89
C GLN A 428 -0.65 2.73 2.97
N ALA A 429 0.17 2.42 3.98
CA ALA A 429 0.61 1.04 4.15
C ALA A 429 -0.58 0.10 4.38
N PHE A 430 -1.53 0.53 5.21
CA PHE A 430 -2.71 -0.28 5.49
C PHE A 430 -3.51 -0.54 4.22
N GLY A 431 -3.66 0.49 3.38
CA GLY A 431 -4.38 0.29 2.12
C GLY A 431 -3.69 -0.69 1.20
N LEU A 432 -2.36 -0.63 1.12
CA LEU A 432 -1.63 -1.58 0.29
C LEU A 432 -1.85 -3.01 0.78
N GLN A 433 -1.73 -3.23 2.08
CA GLN A 433 -1.95 -4.59 2.61
C GLN A 433 -3.40 -5.04 2.43
N LEU A 434 -4.35 -4.10 2.49
CA LEU A 434 -5.74 -4.46 2.25
C LEU A 434 -5.95 -4.93 0.82
N ASN A 435 -5.33 -4.25 -0.14
CA ASN A 435 -5.42 -4.69 -1.53
C ASN A 435 -4.82 -6.09 -1.69
N MET A 436 -3.65 -6.32 -1.08
CA MET A 436 -3.10 -7.67 -0.93
C MET A 436 -4.15 -8.70 -0.55
N GLU A 437 -4.75 -8.50 0.63
CA GLU A 437 -5.62 -9.52 1.19
C GLU A 437 -6.87 -9.71 0.34
N LEU A 438 -7.43 -8.63 -0.18
CA LEU A 438 -8.63 -8.76 -1.00
C LEU A 438 -8.37 -9.57 -2.25
N GLN A 439 -7.30 -9.26 -2.98
CA GLN A 439 -7.03 -10.00 -4.22
C GLN A 439 -6.71 -11.47 -3.93
N LEU A 440 -5.92 -11.73 -2.88
CA LEU A 440 -5.61 -13.12 -2.54
C LEU A 440 -6.85 -13.90 -2.17
N ALA A 441 -7.76 -13.27 -1.40
CA ALA A 441 -9.00 -13.95 -1.03
C ALA A 441 -9.86 -14.24 -2.24
N LEU A 442 -9.91 -13.31 -3.20
CA LEU A 442 -10.68 -13.57 -4.41
C LEU A 442 -10.12 -14.76 -5.18
N GLN A 443 -8.78 -14.82 -5.32
CA GLN A 443 -8.19 -15.95 -6.03
C GLN A 443 -8.46 -17.26 -5.31
N MET A 444 -8.35 -17.27 -3.98
CA MET A 444 -8.62 -18.49 -3.23
C MET A 444 -10.07 -18.93 -3.39
N SER A 445 -11.00 -17.97 -3.39
CA SER A 445 -12.41 -18.32 -3.59
C SER A 445 -12.63 -18.94 -4.96
N GLU A 446 -11.99 -18.38 -6.00
CA GLU A 446 -12.11 -18.98 -7.33
C GLU A 446 -11.60 -20.41 -7.34
N LYS A 447 -10.45 -20.64 -6.71
CA LYS A 447 -9.89 -22.00 -6.67
C LYS A 447 -10.83 -22.97 -5.97
N ARG A 448 -11.37 -22.55 -4.82
CA ARG A 448 -12.28 -23.43 -4.08
C ARG A 448 -13.54 -23.74 -4.88
N VAL A 449 -14.08 -22.72 -5.57
CA VAL A 449 -15.27 -22.95 -6.38
C VAL A 449 -14.98 -23.94 -7.49
N LEU A 450 -13.82 -23.80 -8.13
CA LEU A 450 -13.45 -24.74 -9.20
C LEU A 450 -13.35 -26.17 -8.67
N ARG A 451 -12.70 -26.35 -7.52
CA ARG A 451 -12.58 -27.68 -6.95
C ARG A 451 -13.95 -28.27 -6.62
N THR A 452 -14.82 -27.48 -6.01
CA THR A 452 -16.14 -27.98 -5.66
C THR A 452 -16.94 -28.36 -6.91
N GLN A 453 -16.85 -27.55 -7.96
CA GLN A 453 -17.57 -27.85 -9.19
C GLN A 453 -17.05 -29.15 -9.82
N THR A 454 -15.73 -29.34 -9.82
CA THR A 454 -15.17 -30.58 -10.37
C THR A 454 -15.64 -31.80 -9.56
N LEU A 455 -15.64 -31.69 -8.23
CA LEU A 455 -16.11 -32.81 -7.41
C LEU A 455 -17.59 -33.11 -7.66
N LEU A 456 -18.40 -32.05 -7.82
CA LEU A 456 -19.81 -32.26 -8.11
C LEU A 456 -20.01 -32.93 -9.46
N CYS A 457 -19.20 -32.55 -10.46
CA CYS A 457 -19.27 -33.20 -11.76
C CYS A 457 -18.90 -34.67 -11.67
N ASP A 458 -17.86 -34.97 -10.88
CA ASP A 458 -17.47 -36.37 -10.68
C ASP A 458 -18.61 -37.15 -10.04
N MET A 459 -19.24 -36.56 -9.02
CA MET A 459 -20.35 -37.23 -8.36
C MET A 459 -21.52 -37.46 -9.31
N LEU A 460 -21.80 -36.49 -10.19
CA LEU A 460 -22.84 -36.67 -11.19
C LEU A 460 -22.49 -37.81 -12.14
N LEU A 461 -21.22 -37.88 -12.56
CA LEU A 461 -20.81 -38.94 -13.47
C LEU A 461 -20.95 -40.31 -12.83
N ARG A 462 -20.56 -40.44 -11.57
CA ARG A 462 -20.52 -41.77 -10.94
C ARG A 462 -21.91 -42.29 -10.59
N ASP A 463 -22.85 -41.41 -10.27
CA ASP A 463 -24.17 -41.84 -9.83
C ASP A 463 -25.29 -41.12 -10.58
N SER A 464 -26.52 -41.28 -10.10
CA SER A 464 -27.65 -40.53 -10.64
C SER A 464 -27.50 -39.06 -10.26
N PRO A 465 -28.17 -38.15 -10.97
CA PRO A 465 -28.09 -36.73 -10.61
C PRO A 465 -28.47 -36.44 -9.17
N ALA A 466 -29.44 -37.19 -8.62
CA ALA A 466 -29.83 -36.99 -7.24
C ALA A 466 -28.66 -37.19 -6.29
N GLY A 467 -27.65 -37.93 -6.72
CA GLY A 467 -26.46 -38.10 -5.90
C GLY A 467 -25.85 -36.77 -5.48
N ILE A 468 -25.90 -35.77 -6.35
CA ILE A 468 -25.29 -34.48 -6.04
C ILE A 468 -25.94 -33.81 -4.84
N VAL A 469 -27.08 -34.30 -4.37
CA VAL A 469 -27.72 -33.76 -3.18
C VAL A 469 -27.74 -34.74 -2.02
N THR A 470 -27.24 -35.97 -2.20
CA THR A 470 -27.37 -36.98 -1.16
C THR A 470 -26.17 -36.99 -0.21
N GLN A 471 -24.98 -37.24 -0.73
CA GLN A 471 -23.78 -37.21 0.10
C GLN A 471 -23.10 -35.84 -0.02
N SER A 472 -21.91 -35.73 0.58
CA SER A 472 -21.14 -34.51 0.60
C SER A 472 -19.87 -34.66 -0.25
N PRO A 473 -19.37 -33.57 -0.85
CA PRO A 473 -19.91 -32.20 -0.82
C PRO A 473 -21.15 -32.06 -1.71
N SER A 474 -22.08 -31.18 -1.33
CA SER A 474 -23.33 -31.01 -2.05
C SER A 474 -23.40 -29.62 -2.67
N ILE A 475 -24.56 -29.30 -3.25
CA ILE A 475 -24.73 -28.01 -3.93
C ILE A 475 -24.62 -26.85 -2.96
N MET A 476 -24.87 -27.08 -1.67
CA MET A 476 -24.75 -26.02 -0.68
C MET A 476 -23.33 -25.47 -0.62
N ASP A 477 -22.33 -26.32 -0.85
CA ASP A 477 -20.94 -25.90 -0.76
C ASP A 477 -20.52 -24.99 -1.90
N LEU A 478 -21.36 -24.85 -2.93
CA LEU A 478 -20.99 -24.01 -4.09
C LEU A 478 -20.92 -22.55 -3.70
N VAL A 479 -21.93 -22.04 -3.01
CA VAL A 479 -22.00 -20.63 -2.64
C VAL A 479 -22.44 -20.51 -1.18
N LYS A 480 -22.08 -19.39 -0.56
CA LYS A 480 -22.49 -19.13 0.82
C LYS A 480 -23.98 -18.89 0.89
N CYS A 481 -24.72 -19.80 1.53
CA CYS A 481 -26.16 -19.70 1.62
C CYS A 481 -26.60 -20.38 2.92
N ASP A 482 -27.92 -20.45 3.11
CA ASP A 482 -28.50 -21.14 4.25
C ASP A 482 -29.28 -22.39 3.90
N GLY A 483 -29.67 -22.56 2.64
CA GLY A 483 -30.35 -23.78 2.23
C GLY A 483 -30.27 -23.97 0.74
N ALA A 484 -30.53 -25.21 0.32
CA ALA A 484 -30.49 -25.57 -1.09
C ALA A 484 -31.66 -26.51 -1.39
N ALA A 485 -32.04 -26.55 -2.67
CA ALA A 485 -33.16 -27.39 -3.07
C ALA A 485 -32.99 -27.82 -4.52
N PHE A 486 -33.34 -29.08 -4.78
CA PHE A 486 -33.31 -29.63 -6.13
C PHE A 486 -34.69 -30.20 -6.45
N LEU A 487 -35.22 -29.84 -7.62
CA LEU A 487 -36.52 -30.32 -8.07
C LEU A 487 -36.30 -31.15 -9.33
N TYR A 488 -36.40 -32.47 -9.18
CA TYR A 488 -36.18 -33.40 -10.29
C TYR A 488 -37.46 -34.21 -10.51
N HIS A 489 -38.21 -33.84 -11.56
CA HIS A 489 -39.43 -34.54 -11.97
C HIS A 489 -40.36 -34.80 -10.79
N GLY A 490 -40.72 -33.72 -10.11
CA GLY A 490 -41.60 -33.78 -8.96
C GLY A 490 -40.91 -34.11 -7.65
N LYS A 491 -39.79 -34.85 -7.72
CA LYS A 491 -39.06 -35.18 -6.50
C LYS A 491 -38.37 -33.94 -5.95
N TYR A 492 -38.54 -33.70 -4.66
CA TYR A 492 -38.00 -32.52 -3.99
C TYR A 492 -36.91 -32.94 -3.02
N TYR A 493 -35.73 -32.34 -3.17
CA TYR A 493 -34.56 -32.62 -2.33
C TYR A 493 -34.17 -31.34 -1.62
N PRO A 494 -34.62 -31.13 -0.38
CA PRO A 494 -34.18 -29.96 0.38
C PRO A 494 -33.02 -30.25 1.31
N LEU A 495 -32.07 -29.32 1.39
CA LEU A 495 -30.96 -29.39 2.33
C LEU A 495 -30.92 -28.10 3.14
N GLY A 496 -30.79 -28.23 4.45
CA GLY A 496 -30.81 -27.06 5.31
C GLY A 496 -32.21 -26.49 5.44
N VAL A 497 -32.26 -25.19 5.74
CA VAL A 497 -33.54 -24.49 5.84
C VAL A 497 -34.07 -24.22 4.44
N ALA A 498 -35.33 -24.60 4.20
CA ALA A 498 -35.92 -24.50 2.88
C ALA A 498 -37.44 -24.50 3.03
N PRO A 499 -38.17 -23.99 2.04
CA PRO A 499 -39.63 -24.02 2.11
C PRO A 499 -40.15 -25.45 2.04
N SER A 500 -41.47 -25.56 2.23
CA SER A 500 -42.14 -26.86 2.21
C SER A 500 -42.44 -27.26 0.78
N GLU A 501 -43.24 -28.32 0.61
CA GLU A 501 -43.54 -28.81 -0.74
C GLU A 501 -44.48 -27.86 -1.47
N VAL A 502 -45.62 -27.54 -0.85
CA VAL A 502 -46.58 -26.64 -1.48
C VAL A 502 -45.99 -25.25 -1.65
N GLN A 503 -45.16 -24.83 -0.70
CA GLN A 503 -44.50 -23.53 -0.80
C GLN A 503 -43.62 -23.46 -2.04
N ILE A 504 -42.79 -24.49 -2.26
CA ILE A 504 -41.93 -24.50 -3.43
C ILE A 504 -42.76 -24.66 -4.71
N LYS A 505 -43.89 -25.37 -4.63
CA LYS A 505 -44.76 -25.47 -5.81
C LYS A 505 -45.29 -24.10 -6.21
N ASP A 506 -45.76 -23.31 -5.23
CA ASP A 506 -46.23 -21.97 -5.52
C ASP A 506 -45.10 -21.06 -5.99
N VAL A 507 -43.89 -21.24 -5.44
CA VAL A 507 -42.74 -20.48 -5.92
C VAL A 507 -42.49 -20.77 -7.39
N VAL A 508 -42.54 -22.06 -7.77
CA VAL A 508 -42.34 -22.43 -9.16
C VAL A 508 -43.45 -21.85 -10.05
N GLU A 509 -44.69 -21.90 -9.57
CA GLU A 509 -45.80 -21.34 -10.33
C GLU A 509 -45.58 -19.85 -10.61
N TRP A 510 -45.24 -19.08 -9.56
CA TRP A 510 -45.01 -17.65 -9.75
C TRP A 510 -43.83 -17.41 -10.67
N LEU A 511 -42.75 -18.18 -10.51
CA LEU A 511 -41.55 -17.97 -11.31
C LEU A 511 -41.82 -18.22 -12.78
N LEU A 512 -42.55 -19.29 -13.10
CA LEU A 512 -42.86 -19.57 -14.50
C LEU A 512 -43.91 -18.60 -15.04
N ALA A 513 -44.79 -18.09 -14.19
CA ALA A 513 -45.79 -17.13 -14.66
C ALA A 513 -45.17 -15.79 -15.01
N ASN A 514 -44.31 -15.27 -14.14
CA ASN A 514 -43.75 -13.95 -14.36
C ASN A 514 -42.55 -13.98 -15.31
N HIS A 515 -41.49 -14.70 -14.92
CA HIS A 515 -40.26 -14.77 -15.68
C HIS A 515 -40.19 -16.14 -16.37
N ALA A 516 -40.72 -16.22 -17.58
CA ALA A 516 -40.72 -17.45 -18.35
C ALA A 516 -39.49 -17.58 -19.23
N ASP A 517 -39.24 -16.59 -20.09
CA ASP A 517 -38.10 -16.62 -21.01
C ASP A 517 -36.89 -16.02 -20.30
N SER A 518 -36.28 -16.83 -19.45
CA SER A 518 -35.08 -16.41 -18.73
C SER A 518 -34.28 -17.65 -18.35
N THR A 519 -32.97 -17.43 -18.14
CA THR A 519 -32.07 -18.48 -17.71
C THR A 519 -31.70 -18.38 -16.24
N GLY A 520 -32.31 -17.45 -15.50
CA GLY A 520 -32.00 -17.29 -14.09
C GLY A 520 -32.65 -16.06 -13.48
N LEU A 521 -32.64 -15.98 -12.16
CA LEU A 521 -33.24 -14.85 -11.44
C LEU A 521 -32.64 -14.78 -10.05
N SER A 522 -32.08 -13.62 -9.70
CA SER A 522 -31.45 -13.40 -8.40
C SER A 522 -32.11 -12.19 -7.76
N THR A 523 -32.82 -12.41 -6.66
CA THR A 523 -33.50 -11.36 -5.93
C THR A 523 -33.01 -11.30 -4.49
N ASP A 524 -32.92 -10.08 -3.96
CA ASP A 524 -32.46 -9.88 -2.60
C ASP A 524 -33.60 -9.86 -1.58
N SER A 525 -34.84 -9.87 -2.04
CA SER A 525 -35.99 -9.87 -1.15
C SER A 525 -37.20 -10.35 -1.93
N LEU A 526 -37.80 -11.47 -1.50
CA LEU A 526 -38.95 -12.01 -2.21
C LEU A 526 -40.18 -11.12 -2.08
N GLY A 527 -40.18 -10.19 -1.13
CA GLY A 527 -41.27 -9.25 -0.99
C GLY A 527 -41.24 -8.18 -2.04
N ASP A 528 -40.12 -7.47 -2.16
CA ASP A 528 -39.98 -6.44 -3.17
C ASP A 528 -40.00 -6.99 -4.59
N ALA A 529 -39.62 -8.26 -4.78
CA ALA A 529 -39.63 -8.85 -6.11
C ALA A 529 -41.04 -8.92 -6.67
N GLY A 530 -42.01 -9.31 -5.85
CA GLY A 530 -43.39 -9.39 -6.30
C GLY A 530 -44.08 -10.68 -5.91
N TYR A 531 -43.40 -11.52 -5.15
CA TYR A 531 -43.98 -12.78 -4.71
C TYR A 531 -45.08 -12.51 -3.69
N PRO A 532 -46.33 -12.90 -3.95
CA PRO A 532 -47.39 -12.70 -2.95
C PRO A 532 -47.23 -13.55 -1.70
N GLY A 533 -46.44 -14.61 -1.74
CA GLY A 533 -46.26 -15.50 -0.61
C GLY A 533 -45.05 -15.21 0.26
N ALA A 534 -44.39 -14.07 0.07
CA ALA A 534 -43.20 -13.76 0.87
C ALA A 534 -43.57 -13.45 2.31
N ALA A 535 -44.77 -12.90 2.54
CA ALA A 535 -45.18 -12.54 3.89
C ALA A 535 -45.33 -13.76 4.77
N ALA A 536 -46.06 -14.77 4.30
CA ALA A 536 -46.22 -16.00 5.07
C ALA A 536 -44.96 -16.85 5.04
N LEU A 537 -44.04 -16.55 4.13
CA LEU A 537 -42.81 -17.33 4.03
C LEU A 537 -41.95 -17.14 5.28
N GLY A 538 -41.93 -15.94 5.84
CA GLY A 538 -41.24 -15.67 7.08
C GLY A 538 -39.83 -15.17 6.88
N ASP A 539 -39.15 -14.94 8.00
CA ASP A 539 -37.77 -14.49 8.02
C ASP A 539 -36.78 -15.63 7.84
N ALA A 540 -37.25 -16.88 7.81
CA ALA A 540 -36.33 -18.01 7.64
C ALA A 540 -35.65 -17.96 6.29
N VAL A 541 -36.40 -17.71 5.22
CA VAL A 541 -35.84 -17.53 3.88
C VAL A 541 -36.35 -16.21 3.33
N CYS A 542 -35.43 -15.41 2.79
CA CYS A 542 -35.77 -14.13 2.18
C CYS A 542 -35.19 -13.93 0.79
N GLY A 543 -33.98 -14.42 0.53
CA GLY A 543 -33.40 -14.35 -0.78
C GLY A 543 -33.38 -15.71 -1.47
N MET A 544 -33.69 -15.70 -2.76
CA MET A 544 -33.78 -16.95 -3.51
C MET A 544 -33.08 -16.78 -4.85
N ALA A 545 -32.09 -17.64 -5.11
CA ALA A 545 -31.42 -17.70 -6.40
C ALA A 545 -31.86 -18.96 -7.12
N VAL A 546 -32.24 -18.81 -8.39
CA VAL A 546 -32.80 -19.91 -9.16
C VAL A 546 -31.92 -20.17 -10.38
N ALA A 547 -31.81 -21.45 -10.73
CA ALA A 547 -31.13 -21.89 -11.95
C ALA A 547 -32.09 -22.76 -12.74
N TYR A 548 -32.30 -22.41 -14.01
CA TYR A 548 -33.24 -23.12 -14.88
C TYR A 548 -32.51 -24.29 -15.54
N ILE A 549 -32.58 -25.46 -14.90
CA ILE A 549 -31.96 -26.65 -15.47
C ILE A 549 -32.73 -27.09 -16.71
N THR A 550 -34.06 -27.23 -16.58
CA THR A 550 -34.95 -27.44 -17.71
C THR A 550 -36.17 -26.54 -17.54
N LYS A 551 -37.21 -26.77 -18.35
CA LYS A 551 -38.48 -26.08 -18.15
C LYS A 551 -39.27 -26.67 -17.00
N ARG A 552 -38.84 -27.79 -16.43
CA ARG A 552 -39.52 -28.44 -15.32
C ARG A 552 -38.64 -28.67 -14.11
N ASP A 553 -37.32 -28.68 -14.27
CA ASP A 553 -36.39 -28.93 -13.18
C ASP A 553 -35.57 -27.68 -12.91
N PHE A 554 -35.44 -27.32 -11.63
CA PHE A 554 -34.76 -26.10 -11.22
C PHE A 554 -33.81 -26.39 -10.08
N LEU A 555 -32.91 -25.44 -9.85
CA LEU A 555 -32.01 -25.44 -8.70
C LEU A 555 -32.27 -24.20 -7.86
N PHE A 556 -32.37 -24.38 -6.54
CA PHE A 556 -32.77 -23.30 -5.64
C PHE A 556 -31.71 -23.10 -4.56
N TRP A 557 -31.34 -21.85 -4.32
CA TRP A 557 -30.52 -21.47 -3.18
C TRP A 557 -31.27 -20.46 -2.34
N PHE A 558 -31.40 -20.72 -1.04
CA PHE A 558 -32.15 -19.86 -0.14
C PHE A 558 -31.23 -19.25 0.91
N ARG A 559 -31.43 -17.96 1.17
CA ARG A 559 -30.66 -17.21 2.16
C ARG A 559 -31.61 -16.46 3.09
N SER A 560 -31.24 -16.41 4.37
CA SER A 560 -32.07 -15.80 5.40
C SER A 560 -31.85 -14.29 5.45
N HIS A 561 -32.62 -13.62 6.30
CA HIS A 561 -32.56 -12.16 6.40
C HIS A 561 -31.25 -11.71 7.05
N THR A 562 -30.89 -10.46 6.78
CA THR A 562 -29.62 -9.91 7.24
C THR A 562 -29.55 -9.77 8.75
N ALA A 563 -30.68 -9.55 9.42
CA ALA A 563 -30.70 -9.27 10.85
C ALA A 563 -30.31 -10.46 11.70
N LYS A 564 -30.32 -11.68 11.15
CA LYS A 564 -29.95 -12.86 11.92
C LYS A 564 -28.50 -12.85 12.37
N GLU A 565 -27.59 -12.43 11.50
CA GLU A 565 -26.18 -12.31 11.85
C GLU A 565 -25.82 -10.94 12.40
N ILE A 566 -26.80 -10.04 12.55
CA ILE A 566 -26.56 -8.70 13.06
C ILE A 566 -26.81 -8.74 14.56
N LYS A 567 -25.75 -8.56 15.35
CA LYS A 567 -25.84 -8.62 16.80
C LYS A 567 -24.88 -7.61 17.40
N TRP A 568 -25.41 -6.65 18.15
CA TRP A 568 -24.61 -5.65 18.84
C TRP A 568 -25.10 -5.53 20.29
N GLY A 569 -24.15 -5.48 21.22
CA GLY A 569 -24.49 -5.37 22.63
C GLY A 569 -24.93 -3.98 23.02
N GLY A 570 -26.08 -3.54 22.50
CA GLY A 570 -26.59 -2.22 22.79
C GLY A 570 -28.09 -2.20 23.01
N ASP A 580 -38.66 5.93 20.11
CA ASP A 580 -38.33 7.31 20.43
C ASP A 580 -36.96 7.69 19.85
N GLY A 581 -36.84 7.58 18.54
CA GLY A 581 -35.60 7.95 17.86
C GLY A 581 -35.52 9.42 17.55
N GLN A 582 -35.60 10.26 18.58
CA GLN A 582 -35.57 11.71 18.38
C GLN A 582 -34.13 12.22 18.23
N ARG A 583 -33.30 11.98 19.24
CA ARG A 583 -31.93 12.48 19.22
C ARG A 583 -31.11 11.72 18.19
N MET A 584 -29.89 12.21 17.94
CA MET A 584 -28.96 11.61 17.00
C MET A 584 -27.88 10.90 17.81
N HIS A 585 -28.12 9.64 18.11
CA HIS A 585 -27.25 8.80 18.92
C HIS A 585 -27.01 7.50 18.17
N PRO A 586 -25.88 6.83 18.41
CA PRO A 586 -25.62 5.56 17.73
C PRO A 586 -26.72 4.52 17.90
N ARG A 587 -27.41 4.51 19.04
CA ARG A 587 -28.54 3.60 19.20
C ARG A 587 -29.63 3.90 18.18
N SER A 588 -29.93 5.18 17.95
CA SER A 588 -30.92 5.54 16.95
C SER A 588 -30.45 5.17 15.56
N SER A 589 -29.15 5.31 15.28
CA SER A 589 -28.61 4.90 13.99
C SER A 589 -28.78 3.40 13.77
N PHE A 590 -28.51 2.60 14.81
CA PHE A 590 -28.70 1.16 14.70
C PHE A 590 -30.17 0.81 14.48
N GLN A 591 -31.07 1.50 15.18
CA GLN A 591 -32.49 1.27 14.97
C GLN A 591 -32.91 1.59 13.55
N ALA A 592 -32.42 2.72 13.01
CA ALA A 592 -32.75 3.10 11.65
C ALA A 592 -32.21 2.08 10.65
N PHE A 593 -30.98 1.60 10.86
CA PHE A 593 -30.42 0.60 9.96
C PHE A 593 -31.23 -0.69 10.00
N LEU A 594 -31.60 -1.15 11.20
CA LEU A 594 -32.42 -2.35 11.31
C LEU A 594 -33.78 -2.16 10.65
N GLU A 595 -34.30 -0.93 10.66
CA GLU A 595 -35.52 -0.64 9.92
C GLU A 595 -35.29 -0.69 8.41
N VAL A 596 -34.09 -0.30 7.97
CA VAL A 596 -33.81 -0.24 6.53
C VAL A 596 -33.73 -1.63 5.92
N VAL A 597 -33.07 -2.57 6.59
CA VAL A 597 -32.79 -3.88 6.02
C VAL A 597 -33.82 -4.90 6.47
N LYS A 598 -34.99 -4.43 6.89
CA LYS A 598 -36.06 -5.34 7.26
C LYS A 598 -36.51 -6.16 6.05
N SER A 599 -36.56 -7.48 6.23
CA SER A 599 -36.95 -8.42 5.18
C SER A 599 -36.06 -8.25 3.93
N ARG A 600 -34.77 -8.45 4.13
CA ARG A 600 -33.79 -8.34 3.05
C ARG A 600 -32.55 -9.13 3.41
N SER A 601 -32.09 -9.97 2.48
CA SER A 601 -30.88 -10.75 2.70
C SER A 601 -29.66 -9.99 2.20
N GLN A 602 -28.49 -10.60 2.35
CA GLN A 602 -27.26 -9.99 1.88
C GLN A 602 -27.21 -10.00 0.35
N PRO A 603 -26.46 -9.08 -0.26
CA PRO A 603 -26.42 -9.01 -1.72
C PRO A 603 -25.84 -10.27 -2.34
N TRP A 604 -26.38 -10.65 -3.49
CA TRP A 604 -25.85 -11.77 -4.29
C TRP A 604 -24.68 -11.24 -5.10
N GLU A 605 -23.47 -11.71 -4.78
CA GLU A 605 -22.29 -11.24 -5.48
C GLU A 605 -22.23 -11.82 -6.90
N THR A 606 -21.39 -11.21 -7.73
CA THR A 606 -21.31 -11.61 -9.13
C THR A 606 -20.65 -12.97 -9.29
N ALA A 607 -19.62 -13.26 -8.47
CA ALA A 607 -18.92 -14.53 -8.59
C ALA A 607 -19.84 -15.70 -8.28
N GLU A 608 -20.74 -15.53 -7.31
CA GLU A 608 -21.71 -16.58 -7.01
C GLU A 608 -22.59 -16.87 -8.21
N MET A 609 -23.07 -15.83 -8.87
CA MET A 609 -23.90 -16.03 -10.06
C MET A 609 -23.09 -16.67 -11.19
N ASP A 610 -21.81 -16.32 -11.31
CA ASP A 610 -20.96 -16.94 -12.31
C ASP A 610 -20.83 -18.43 -12.07
N ALA A 611 -20.59 -18.82 -10.82
CA ALA A 611 -20.49 -20.24 -10.48
C ALA A 611 -21.80 -20.97 -10.73
N ILE A 612 -22.92 -20.33 -10.38
CA ILE A 612 -24.23 -20.92 -10.62
C ILE A 612 -24.45 -21.12 -12.11
N HIS A 613 -24.08 -20.13 -12.93
CA HIS A 613 -24.25 -20.26 -14.37
C HIS A 613 -23.38 -21.38 -14.93
N SER A 614 -22.15 -21.51 -14.45
CA SER A 614 -21.28 -22.59 -14.92
C SER A 614 -21.88 -23.95 -14.59
N LEU A 615 -22.35 -24.12 -13.35
CA LEU A 615 -22.99 -25.38 -12.97
C LEU A 615 -24.23 -25.63 -13.81
N GLN A 616 -25.01 -24.58 -14.08
CA GLN A 616 -26.20 -24.72 -14.89
C GLN A 616 -25.86 -25.19 -16.30
N LEU A 617 -24.81 -24.62 -16.89
CA LEU A 617 -24.41 -25.03 -18.23
C LEU A 617 -23.98 -26.49 -18.25
N ILE A 618 -23.16 -26.89 -17.26
CA ILE A 618 -22.69 -28.28 -17.24
C ILE A 618 -23.87 -29.24 -17.06
N LEU A 619 -24.77 -28.92 -16.13
CA LEU A 619 -25.93 -29.78 -15.91
C LEU A 619 -26.82 -29.84 -17.12
N ARG A 620 -27.02 -28.71 -17.80
CA ARG A 620 -27.85 -28.68 -18.99
C ARG A 620 -27.26 -29.56 -20.09
N ASP A 621 -25.95 -29.46 -20.30
CA ASP A 621 -25.32 -30.31 -21.31
C ASP A 621 -25.43 -31.78 -20.95
N SER A 622 -25.19 -32.12 -19.68
CA SER A 622 -25.25 -33.52 -19.25
C SER A 622 -26.64 -34.09 -19.42
N PHE A 623 -27.67 -33.31 -19.07
CA PHE A 623 -29.04 -33.79 -19.19
C PHE A 623 -29.51 -33.82 -20.64
N LYS A 624 -29.02 -32.90 -21.48
CA LYS A 624 -29.36 -32.94 -22.90
C LYS A 624 -28.71 -34.12 -23.59
N GLU A 625 -27.56 -34.59 -23.09
CA GLU A 625 -26.95 -35.79 -23.64
C GLU A 625 -27.86 -37.01 -23.43
N SER A 626 -28.52 -37.09 -22.28
CA SER A 626 -29.42 -38.20 -21.99
C SER A 626 -30.64 -38.18 -22.92
N GLY B 116 40.72 -1.42 14.54
CA GLY B 116 39.51 -0.67 14.85
C GLY B 116 38.63 -0.43 13.65
N GLY B 117 39.23 -0.24 12.48
CA GLY B 117 38.47 -0.01 11.27
C GLY B 117 38.78 1.31 10.61
N TYR B 118 37.89 1.77 9.73
CA TYR B 118 38.09 3.02 9.01
C TYR B 118 36.74 3.65 8.71
N ILE B 119 36.75 4.96 8.51
CA ILE B 119 35.54 5.72 8.24
C ILE B 119 35.81 6.72 7.11
N GLN B 120 34.76 7.01 6.33
CA GLN B 120 34.87 8.01 5.30
C GLN B 120 35.01 9.40 5.93
N PRO B 121 35.82 10.28 5.35
CA PRO B 121 36.11 11.59 5.95
C PRO B 121 35.02 12.65 5.74
N PHE B 122 33.77 12.27 6.01
CA PHE B 122 32.66 13.21 6.00
C PHE B 122 31.87 13.17 7.30
N GLY B 123 32.45 12.60 8.36
CA GLY B 123 31.78 12.53 9.64
C GLY B 123 32.77 12.19 10.73
N CYS B 124 32.24 11.99 11.94
CA CYS B 124 33.03 11.65 13.11
C CYS B 124 32.51 10.36 13.72
N MET B 125 33.19 9.90 14.76
CA MET B 125 32.87 8.64 15.43
C MET B 125 33.30 8.74 16.88
N ILE B 126 32.34 8.65 17.81
CA ILE B 126 32.64 8.71 19.24
C ILE B 126 31.90 7.60 19.95
N ALA B 127 32.62 6.80 20.73
CA ALA B 127 32.05 5.70 21.50
C ALA B 127 32.20 6.00 22.98
N VAL B 128 31.12 5.83 23.73
CA VAL B 128 31.09 6.17 25.15
C VAL B 128 30.45 5.05 25.95
N ASP B 129 30.72 5.06 27.24
CA ASP B 129 30.08 4.10 28.14
C ASP B 129 28.62 4.51 28.39
N GLU B 130 27.73 3.53 28.38
CA GLU B 130 26.31 3.81 28.54
C GLU B 130 25.99 4.34 29.94
N SER B 131 26.65 3.81 30.96
CA SER B 131 26.27 4.11 32.33
C SER B 131 26.69 5.52 32.75
N SER B 132 27.89 5.94 32.36
CA SER B 132 28.47 7.19 32.86
C SER B 132 28.89 8.16 31.76
N PHE B 133 28.49 7.91 30.51
CA PHE B 133 28.83 8.78 29.38
C PHE B 133 30.34 8.98 29.29
N ARG B 134 31.07 7.87 29.36
CA ARG B 134 32.51 7.87 29.50
C ARG B 134 33.16 7.44 28.19
N ILE B 135 33.98 8.32 27.62
CA ILE B 135 34.54 8.10 26.28
C ILE B 135 35.52 6.94 26.31
N ILE B 136 35.40 6.05 25.31
CA ILE B 136 36.28 4.90 25.18
C ILE B 136 36.94 4.81 23.81
N GLY B 137 36.64 5.72 22.90
CA GLY B 137 37.29 5.72 21.60
C GLY B 137 36.69 6.69 20.60
N TYR B 138 37.52 7.43 19.88
CA TYR B 138 37.05 8.49 19.02
C TYR B 138 37.77 8.43 17.68
N SER B 139 37.10 8.97 16.66
CA SER B 139 37.70 9.07 15.33
C SER B 139 38.81 10.11 15.32
N GLU B 140 39.70 9.99 14.34
CA GLU B 140 40.89 10.83 14.27
C GLU B 140 40.59 12.23 13.77
N ASN B 141 39.42 12.48 13.18
CA ASN B 141 39.05 13.81 12.71
C ASN B 141 38.03 14.50 13.60
N ALA B 142 37.66 13.88 14.73
CA ALA B 142 36.65 14.48 15.61
C ALA B 142 37.16 15.76 16.25
N ARG B 143 38.45 15.82 16.61
CA ARG B 143 39.01 16.98 17.29
C ARG B 143 39.35 18.11 16.34
N GLU B 144 38.89 18.05 15.09
CA GLU B 144 39.07 19.14 14.14
C GLU B 144 37.80 19.56 13.43
N MET B 145 36.79 18.68 13.33
CA MET B 145 35.53 19.05 12.71
C MET B 145 34.53 19.60 13.70
N LEU B 146 34.67 19.28 14.98
CA LEU B 146 33.79 19.79 16.03
C LEU B 146 34.20 21.17 16.52
N GLY B 147 35.25 21.76 15.95
CA GLY B 147 35.69 23.09 16.28
C GLY B 147 36.66 23.17 17.45
N ILE B 148 36.89 22.05 18.14
CA ILE B 148 37.81 22.06 19.27
C ILE B 148 39.23 22.24 18.75
N MET B 149 39.99 23.11 19.42
CA MET B 149 41.37 23.41 19.05
C MET B 149 41.48 23.87 17.59
N ILE B 161 41.37 18.90 24.83
CA ILE B 161 40.02 18.85 25.40
C ILE B 161 39.43 17.46 25.19
N LEU B 162 39.41 17.02 23.93
CA LEU B 162 38.98 15.65 23.65
C LEU B 162 39.92 14.66 24.32
N ALA B 163 41.23 14.80 24.09
CA ALA B 163 42.26 13.96 24.69
C ALA B 163 41.90 12.49 24.65
N MET B 164 41.97 11.81 25.79
CA MET B 164 41.48 10.45 25.92
C MET B 164 40.70 10.36 27.23
N GLY B 165 39.46 9.91 27.15
CA GLY B 165 38.66 9.75 28.34
C GLY B 165 38.11 11.03 28.95
N THR B 166 37.22 11.71 28.24
CA THR B 166 36.52 12.88 28.73
C THR B 166 35.02 12.66 28.63
N ASP B 167 34.25 13.65 29.10
CA ASP B 167 32.80 13.58 29.12
C ASP B 167 32.21 14.30 27.91
N VAL B 168 31.30 13.62 27.21
CA VAL B 168 30.71 14.19 26.00
C VAL B 168 29.76 15.34 26.30
N ARG B 169 29.12 15.35 27.47
CA ARG B 169 28.20 16.44 27.79
C ARG B 169 28.93 17.77 27.86
N SER B 170 30.23 17.76 28.13
CA SER B 170 31.02 18.99 28.15
C SER B 170 31.40 19.46 26.75
N LEU B 171 31.18 18.65 25.72
CA LEU B 171 31.51 19.01 24.35
C LEU B 171 30.33 19.59 23.58
N PHE B 172 29.17 19.71 24.20
CA PHE B 172 27.97 20.21 23.53
C PHE B 172 27.24 21.18 24.45
N THR B 173 26.21 21.82 23.92
CA THR B 173 25.41 22.75 24.68
C THR B 173 24.53 22.00 25.68
N SER B 174 23.91 22.76 26.58
CA SER B 174 23.11 22.16 27.64
C SER B 174 21.92 21.40 27.09
N SER B 175 21.19 22.01 26.15
CA SER B 175 20.01 21.36 25.58
C SER B 175 20.41 20.11 24.80
N SER B 176 21.52 20.18 24.05
CA SER B 176 22.00 19.01 23.34
C SER B 176 22.41 17.90 24.31
N SER B 177 23.03 18.27 25.43
CA SER B 177 23.39 17.29 26.44
C SER B 177 22.15 16.63 27.03
N ILE B 178 21.10 17.42 27.29
CA ILE B 178 19.86 16.87 27.81
C ILE B 178 19.25 15.89 26.81
N LEU B 179 19.23 16.27 25.54
CA LEU B 179 18.69 15.37 24.51
C LEU B 179 19.51 14.08 24.41
N LEU B 180 20.84 14.20 24.49
CA LEU B 180 21.69 13.02 24.46
C LEU B 180 21.41 12.09 25.64
N GLU B 181 21.28 12.67 26.84
CA GLU B 181 20.97 11.85 28.01
C GLU B 181 19.62 11.17 27.87
N ARG B 182 18.62 11.90 27.35
CA ARG B 182 17.30 11.30 27.16
C ARG B 182 17.36 10.14 26.16
N ALA B 183 18.13 10.31 25.09
CA ALA B 183 18.30 9.20 24.14
C ALA B 183 19.02 8.03 24.78
N PHE B 184 20.03 8.30 25.61
CA PHE B 184 20.77 7.24 26.27
C PHE B 184 19.90 6.43 27.21
N VAL B 185 19.04 7.11 27.98
CA VAL B 185 18.28 6.42 29.03
C VAL B 185 17.27 5.46 28.43
N ALA B 186 16.66 5.83 27.30
CA ALA B 186 15.60 5.03 26.72
C ALA B 186 16.11 3.65 26.31
N ARG B 187 15.24 2.65 26.45
CA ARG B 187 15.61 1.27 26.15
C ARG B 187 15.99 1.11 24.67
N GLU B 188 15.02 1.33 23.79
CA GLU B 188 15.27 1.26 22.36
C GLU B 188 16.00 2.52 21.93
N ILE B 189 17.30 2.39 21.60
CA ILE B 189 18.08 3.55 21.21
C ILE B 189 17.63 4.08 19.85
N THR B 190 16.91 3.27 19.07
CA THR B 190 16.26 3.76 17.87
C THR B 190 15.02 4.56 18.28
N LEU B 191 14.25 5.02 17.29
CA LEU B 191 13.08 5.88 17.45
C LEU B 191 13.45 7.25 17.99
N LEU B 192 14.72 7.51 18.26
CA LEU B 192 15.23 8.82 18.68
C LEU B 192 16.41 9.22 17.83
N ASN B 193 16.36 8.89 16.54
CA ASN B 193 17.44 9.18 15.60
C ASN B 193 16.88 9.82 14.35
N PRO B 194 17.53 10.87 13.83
CA PRO B 194 18.74 11.53 14.35
C PRO B 194 18.44 12.56 15.44
N VAL B 195 19.46 13.07 16.11
CA VAL B 195 19.32 14.10 17.13
C VAL B 195 20.03 15.35 16.64
N TRP B 196 19.33 16.48 16.65
CA TRP B 196 19.89 17.74 16.15
C TRP B 196 20.61 18.48 17.29
N ILE B 197 21.75 17.92 17.68
CA ILE B 197 22.57 18.51 18.73
C ILE B 197 23.34 19.70 18.18
N HIS B 198 23.89 20.52 19.05
CA HIS B 198 24.67 21.69 18.68
C HIS B 198 26.07 21.58 19.27
N SER B 199 27.04 22.08 18.52
CA SER B 199 28.40 22.16 19.04
C SER B 199 28.51 23.28 20.06
N LYS B 200 29.57 23.22 20.87
CA LYS B 200 29.77 24.20 21.92
C LYS B 200 30.84 25.23 21.59
N ASN B 201 31.91 24.85 20.92
CA ASN B 201 32.99 25.77 20.61
C ASN B 201 32.75 26.58 19.35
N THR B 202 31.81 26.16 18.49
CA THR B 202 31.56 26.88 17.26
C THR B 202 30.07 27.14 17.06
N GLY B 203 29.23 26.28 17.63
CA GLY B 203 27.79 26.44 17.54
C GLY B 203 27.15 25.92 16.28
N LYS B 204 27.92 25.37 15.36
CA LYS B 204 27.34 24.81 14.15
C LYS B 204 26.52 23.56 14.48
N PRO B 205 25.43 23.30 13.75
CA PRO B 205 24.62 22.11 14.03
C PRO B 205 25.34 20.84 13.59
N PHE B 206 24.84 19.72 14.12
CA PHE B 206 25.45 18.41 13.87
C PHE B 206 24.36 17.36 14.00
N TYR B 207 24.01 16.73 12.88
CA TYR B 207 23.11 15.58 12.94
C TYR B 207 23.85 14.38 13.50
N ALA B 208 23.28 13.78 14.55
CA ALA B 208 23.94 12.69 15.27
C ALA B 208 23.06 11.44 15.22
N ILE B 209 23.69 10.30 14.94
CA ILE B 209 23.01 9.01 14.90
C ILE B 209 23.66 8.09 15.93
N LEU B 210 22.83 7.36 16.67
CA LEU B 210 23.27 6.57 17.82
C LEU B 210 22.95 5.10 17.61
N HIS B 211 23.83 4.23 18.09
CA HIS B 211 23.52 2.81 18.12
C HIS B 211 24.36 2.15 19.21
N ARG B 212 24.09 0.86 19.44
CA ARG B 212 24.72 0.09 20.51
C ARG B 212 25.63 -0.98 19.94
N ILE B 213 26.83 -1.10 20.52
CA ILE B 213 27.83 -2.07 20.08
C ILE B 213 28.11 -3.13 21.12
N ASP B 214 27.23 -3.26 22.13
CA ASP B 214 27.41 -4.25 23.23
C ASP B 214 28.56 -3.79 24.14
N VAL B 215 29.49 -3.03 23.58
CA VAL B 215 30.59 -2.44 24.40
C VAL B 215 30.09 -1.11 25.00
N GLY B 216 29.43 -0.28 24.18
CA GLY B 216 28.89 1.00 24.65
C GLY B 216 27.99 1.63 23.61
N VAL B 217 27.75 2.95 23.70
CA VAL B 217 26.96 3.61 22.68
C VAL B 217 27.90 4.31 21.72
N VAL B 218 27.70 4.12 20.43
CA VAL B 218 28.49 4.73 19.37
C VAL B 218 27.64 5.78 18.68
N ILE B 219 28.18 6.98 18.54
CA ILE B 219 27.52 8.10 17.89
C ILE B 219 28.34 8.53 16.68
N ASP B 220 27.64 8.76 15.57
CA ASP B 220 28.22 9.28 14.35
C ASP B 220 27.65 10.66 14.08
N LEU B 221 28.53 11.64 13.88
CA LEU B 221 28.14 13.03 13.66
C LEU B 221 28.37 13.38 12.20
N GLU B 222 27.30 13.75 11.50
CA GLU B 222 27.38 14.22 10.12
C GLU B 222 26.97 15.68 10.10
N PRO B 223 27.84 16.61 9.67
CA PRO B 223 27.50 18.02 9.74
C PRO B 223 26.26 18.36 8.91
N ALA B 224 25.45 19.26 9.45
CA ALA B 224 24.27 19.77 8.77
C ALA B 224 24.61 21.13 8.15
N ARG B 225 24.21 21.30 6.88
CA ARG B 225 24.53 22.51 6.14
C ARG B 225 23.36 23.48 6.08
N THR B 226 22.39 23.34 6.98
CA THR B 226 21.26 24.25 7.10
C THR B 226 21.22 24.72 8.55
N GLU B 227 21.97 25.77 8.86
CA GLU B 227 22.08 26.27 10.23
C GLU B 227 20.87 27.07 10.66
N ASP B 228 19.96 27.38 9.75
CA ASP B 228 18.78 28.17 10.09
C ASP B 228 17.82 27.33 10.95
N PRO B 229 17.42 27.81 12.13
CA PRO B 229 16.42 27.07 12.92
C PRO B 229 15.03 27.06 12.29
N ALA B 230 14.79 27.87 11.27
CA ALA B 230 13.49 27.92 10.60
C ALA B 230 13.41 26.99 9.39
N LEU B 231 14.49 26.88 8.62
CA LEU B 231 14.49 26.00 7.46
C LEU B 231 14.63 24.54 7.84
N SER B 232 15.30 24.25 8.96
CA SER B 232 15.52 22.87 9.38
C SER B 232 14.20 22.15 9.67
N ILE B 233 13.28 22.83 10.36
CA ILE B 233 11.99 22.22 10.65
C ILE B 233 11.20 22.01 9.37
N ALA B 234 11.27 22.97 8.45
CA ALA B 234 10.59 22.82 7.17
C ALA B 234 11.12 21.61 6.41
N GLY B 235 12.44 21.40 6.42
CA GLY B 235 12.99 20.22 5.78
C GLY B 235 12.59 18.93 6.48
N ALA B 236 12.56 18.96 7.81
CA ALA B 236 12.19 17.76 8.57
C ALA B 236 10.75 17.34 8.29
N VAL B 237 9.86 18.30 8.05
CA VAL B 237 8.49 17.95 7.66
C VAL B 237 8.39 17.63 6.17
N GLN B 238 9.21 18.27 5.34
CA GLN B 238 9.14 18.01 3.91
C GLN B 238 9.69 16.65 3.53
N SER B 239 10.56 16.07 4.36
CA SER B 239 10.95 14.68 4.12
C SER B 239 9.72 13.78 4.15
N GLN B 240 8.90 13.92 5.20
CA GLN B 240 7.67 13.13 5.29
C GLN B 240 6.73 13.45 4.14
N LYS B 241 6.58 14.74 3.80
CA LYS B 241 5.66 15.09 2.72
C LYS B 241 6.11 14.49 1.38
N LEU B 242 7.41 14.55 1.09
CA LEU B 242 7.92 13.98 -0.16
C LEU B 242 7.74 12.46 -0.17
N ALA B 243 8.01 11.79 0.95
CA ALA B 243 7.80 10.36 1.01
C ALA B 243 6.34 10.00 0.74
N VAL B 244 5.42 10.75 1.35
CA VAL B 244 3.99 10.49 1.16
C VAL B 244 3.60 10.70 -0.30
N ARG B 245 4.08 11.77 -0.92
CA ARG B 245 3.75 12.03 -2.32
C ARG B 245 4.28 10.92 -3.23
N ALA B 246 5.54 10.50 -3.03
CA ALA B 246 6.11 9.46 -3.85
C ALA B 246 5.36 8.15 -3.69
N ILE B 247 5.02 7.79 -2.45
CA ILE B 247 4.31 6.53 -2.23
C ILE B 247 2.90 6.60 -2.80
N SER B 248 2.24 7.75 -2.71
CA SER B 248 0.93 7.90 -3.33
C SER B 248 1.02 7.74 -4.84
N GLN B 249 2.10 8.22 -5.44
CA GLN B 249 2.33 7.96 -6.86
C GLN B 249 2.54 6.47 -7.12
N LEU B 250 3.23 5.79 -6.20
CA LEU B 250 3.51 4.36 -6.38
C LEU B 250 2.24 3.52 -6.39
N GLN B 251 1.28 3.83 -5.52
CA GLN B 251 0.11 2.99 -5.33
C GLN B 251 -0.95 3.17 -6.41
N ALA B 252 -0.74 4.09 -7.35
CA ALA B 252 -1.71 4.30 -8.42
C ALA B 252 -1.67 3.18 -9.45
N LEU B 253 -0.52 2.55 -9.64
CA LEU B 253 -0.39 1.52 -10.66
C LEU B 253 -1.21 0.28 -10.30
N PRO B 254 -1.76 -0.41 -11.30
CA PRO B 254 -2.41 -1.69 -11.03
C PRO B 254 -1.42 -2.75 -10.60
N GLY B 255 -1.88 -3.67 -9.77
CA GLY B 255 -1.03 -4.74 -9.27
C GLY B 255 -1.04 -5.97 -10.14
N GLY B 256 -0.43 -5.89 -11.33
CA GLY B 256 -0.44 -7.01 -12.25
C GLY B 256 0.88 -7.29 -12.93
N ASP B 257 1.92 -6.52 -12.58
CA ASP B 257 3.23 -6.71 -13.19
C ASP B 257 4.30 -6.16 -12.26
N ILE B 258 5.53 -6.59 -12.49
CA ILE B 258 6.67 -6.14 -11.70
C ILE B 258 7.57 -5.16 -12.46
N LYS B 259 7.67 -5.30 -13.79
CA LYS B 259 8.53 -4.40 -14.56
C LYS B 259 8.06 -2.96 -14.44
N LEU B 260 6.75 -2.74 -14.51
CA LEU B 260 6.21 -1.38 -14.35
C LEU B 260 6.54 -0.83 -12.97
N LEU B 261 6.41 -1.67 -11.94
CA LEU B 261 6.75 -1.25 -10.58
C LEU B 261 8.20 -0.83 -10.48
N CYS B 262 9.11 -1.63 -11.04
CA CYS B 262 10.53 -1.32 -10.98
C CYS B 262 10.85 -0.04 -11.73
N ASP B 263 10.26 0.14 -12.92
CA ASP B 263 10.49 1.36 -13.69
C ASP B 263 9.98 2.60 -12.94
N THR B 264 8.78 2.50 -12.35
CA THR B 264 8.26 3.63 -11.57
C THR B 264 9.18 3.94 -10.39
N VAL B 265 9.67 2.91 -9.71
CA VAL B 265 10.51 3.11 -8.54
C VAL B 265 11.82 3.79 -8.95
N VAL B 266 12.45 3.33 -10.03
CA VAL B 266 13.71 3.93 -10.44
C VAL B 266 13.49 5.37 -10.91
N GLU B 267 12.36 5.63 -11.58
CA GLU B 267 12.07 7.00 -11.99
C GLU B 267 11.91 7.92 -10.79
N SER B 268 11.13 7.47 -9.79
CA SER B 268 10.93 8.30 -8.60
C SER B 268 12.23 8.52 -7.84
N VAL B 269 13.05 7.48 -7.72
CA VAL B 269 14.31 7.62 -6.99
C VAL B 269 15.26 8.55 -7.72
N ARG B 270 15.31 8.46 -9.05
CA ARG B 270 16.13 9.37 -9.82
C ARG B 270 15.65 10.80 -9.67
N ASP B 271 14.33 11.01 -9.68
CA ASP B 271 13.78 12.35 -9.49
C ASP B 271 14.15 12.92 -8.13
N LEU B 272 14.01 12.10 -7.07
CA LEU B 272 14.28 12.60 -5.73
C LEU B 272 15.76 12.84 -5.49
N THR B 273 16.61 11.93 -5.93
CA THR B 273 18.04 12.00 -5.60
C THR B 273 18.84 12.78 -6.63
N GLY B 274 18.47 12.71 -7.90
CA GLY B 274 19.23 13.38 -8.94
C GLY B 274 20.61 12.80 -9.17
N TYR B 275 20.75 11.48 -9.11
CA TYR B 275 22.01 10.83 -9.42
C TYR B 275 22.18 10.69 -10.93
N ASP B 276 23.30 10.10 -11.34
CA ASP B 276 23.56 9.90 -12.76
C ASP B 276 23.03 8.58 -13.29
N ARG B 277 22.73 7.62 -12.42
CA ARG B 277 22.24 6.32 -12.87
C ARG B 277 21.55 5.62 -11.70
N VAL B 278 20.44 4.95 -12.00
CA VAL B 278 19.69 4.18 -11.01
C VAL B 278 19.29 2.85 -11.64
N MET B 279 19.62 1.75 -10.96
CA MET B 279 19.31 0.41 -11.44
C MET B 279 18.70 -0.41 -10.32
N VAL B 280 18.13 -1.55 -10.68
CA VAL B 280 17.58 -2.51 -9.74
C VAL B 280 18.23 -3.87 -9.97
N TYR B 281 18.77 -4.46 -8.92
CA TYR B 281 19.38 -5.78 -8.97
C TYR B 281 18.43 -6.81 -8.40
N LYS B 282 18.39 -7.98 -9.03
CA LYS B 282 17.56 -9.09 -8.57
C LYS B 282 18.44 -10.31 -8.36
N PHE B 283 18.38 -10.90 -7.17
CA PHE B 283 19.19 -12.07 -6.84
C PHE B 283 18.41 -13.34 -7.14
N HIS B 284 19.02 -14.23 -7.92
CA HIS B 284 18.36 -15.46 -8.34
C HIS B 284 18.51 -16.54 -7.27
N GLU B 285 18.16 -17.78 -7.61
CA GLU B 285 18.18 -18.86 -6.65
C GLU B 285 19.60 -19.22 -6.23
N ASP B 286 20.59 -18.98 -7.09
CA ASP B 286 21.99 -19.25 -6.77
C ASP B 286 22.73 -17.98 -6.39
N GLU B 287 22.02 -16.94 -5.95
CA GLU B 287 22.56 -15.68 -5.45
C GLU B 287 23.26 -14.84 -6.52
N HIS B 288 23.09 -15.18 -7.79
CA HIS B 288 23.64 -14.33 -8.85
C HIS B 288 22.61 -13.28 -9.26
N GLY B 289 23.11 -12.16 -9.77
CA GLY B 289 22.27 -11.00 -10.00
C GLY B 289 21.94 -10.72 -11.45
N GLU B 290 20.91 -9.91 -11.67
CA GLU B 290 20.49 -9.53 -13.01
C GLU B 290 19.83 -8.16 -12.93
N VAL B 291 20.34 -7.20 -13.71
CA VAL B 291 19.75 -5.88 -13.75
C VAL B 291 18.42 -5.94 -14.50
N VAL B 292 17.33 -5.58 -13.82
CA VAL B 292 16.00 -5.71 -14.39
C VAL B 292 15.38 -4.36 -14.73
N ALA B 293 15.88 -3.25 -14.18
CA ALA B 293 15.36 -1.93 -14.49
C ALA B 293 16.47 -0.91 -14.32
N GLU B 294 16.41 0.13 -15.16
CA GLU B 294 17.50 1.10 -15.20
C GLU B 294 16.97 2.42 -15.74
N SER B 295 17.55 3.52 -15.24
CA SER B 295 17.26 4.85 -15.74
C SER B 295 18.55 5.67 -15.62
N LYS B 296 18.99 6.25 -16.74
CA LYS B 296 20.29 6.88 -16.80
C LYS B 296 20.23 8.16 -17.60
N ARG B 297 21.23 9.00 -17.40
CA ARG B 297 21.48 10.14 -18.27
C ARG B 297 22.10 9.63 -19.57
N ASP B 298 21.42 9.85 -20.69
CA ASP B 298 21.70 9.12 -21.93
C ASP B 298 22.98 9.63 -22.58
N ASP B 299 24.10 9.37 -21.91
CA ASP B 299 25.42 9.59 -22.49
C ASP B 299 26.32 8.39 -22.21
N LEU B 300 25.84 7.44 -21.41
CA LEU B 300 26.61 6.30 -20.97
C LEU B 300 25.97 5.01 -21.48
N GLU B 301 26.74 3.94 -21.42
CA GLU B 301 26.24 2.64 -21.87
C GLU B 301 25.13 2.15 -20.95
N PRO B 302 24.10 1.51 -21.49
CA PRO B 302 23.00 1.02 -20.64
C PRO B 302 23.27 -0.36 -20.06
N TYR B 303 23.27 -0.47 -18.73
CA TYR B 303 23.59 -1.73 -18.06
C TYR B 303 22.37 -2.60 -17.82
N ILE B 304 21.31 -2.43 -18.59
CA ILE B 304 20.09 -3.22 -18.42
C ILE B 304 20.25 -4.53 -19.17
N GLY B 305 19.96 -5.64 -18.49
CA GLY B 305 20.10 -6.96 -19.08
C GLY B 305 21.41 -7.65 -18.79
N LEU B 306 22.23 -7.13 -17.88
CA LEU B 306 23.51 -7.72 -17.54
C LEU B 306 23.36 -8.65 -16.34
N HIS B 307 24.15 -9.72 -16.33
CA HIS B 307 24.19 -10.66 -15.22
C HIS B 307 25.58 -10.70 -14.62
N TYR B 308 25.65 -10.94 -13.32
CA TYR B 308 26.92 -11.08 -12.63
C TYR B 308 26.86 -12.28 -11.70
N PRO B 309 27.99 -12.94 -11.47
CA PRO B 309 28.00 -14.13 -10.59
C PRO B 309 27.79 -13.75 -9.13
N ALA B 310 27.42 -14.76 -8.34
CA ALA B 310 27.16 -14.55 -6.92
C ALA B 310 28.42 -14.12 -6.17
N THR B 311 29.60 -14.48 -6.69
CA THR B 311 30.84 -14.18 -5.98
C THR B 311 31.11 -12.68 -5.90
N ASP B 312 30.45 -11.88 -6.73
CA ASP B 312 30.69 -10.43 -6.71
C ASP B 312 30.13 -9.76 -5.47
N ILE B 313 29.20 -10.42 -4.77
CA ILE B 313 28.63 -9.86 -3.53
C ILE B 313 28.88 -10.84 -2.39
N PRO B 314 29.76 -10.52 -1.45
CA PRO B 314 30.00 -11.44 -0.33
C PRO B 314 28.75 -11.63 0.52
N GLN B 315 28.67 -12.79 1.16
CA GLN B 315 27.51 -13.10 2.01
C GLN B 315 27.41 -12.13 3.18
N ALA B 316 28.56 -11.73 3.75
CA ALA B 316 28.55 -10.78 4.85
C ALA B 316 27.94 -9.45 4.42
N SER B 317 28.23 -9.01 3.20
CA SER B 317 27.64 -7.77 2.70
C SER B 317 26.13 -7.90 2.53
N ARG B 318 25.66 -9.08 2.09
CA ARG B 318 24.22 -9.31 2.01
C ARG B 318 23.58 -9.24 3.39
N PHE B 319 24.24 -9.83 4.40
CA PHE B 319 23.73 -9.75 5.76
C PHE B 319 23.67 -8.31 6.24
N LEU B 320 24.71 -7.53 5.95
CA LEU B 320 24.74 -6.13 6.37
C LEU B 320 23.63 -5.33 5.70
N PHE B 321 23.42 -5.55 4.40
CA PHE B 321 22.29 -4.92 3.71
C PHE B 321 20.96 -5.34 4.32
N LYS B 322 20.85 -6.58 4.78
CA LYS B 322 19.64 -7.00 5.48
C LYS B 322 19.47 -6.28 6.81
N GLN B 323 20.57 -5.96 7.49
CA GLN B 323 20.45 -5.29 8.79
C GLN B 323 20.19 -3.80 8.63
N ASN B 324 21.14 -3.07 8.04
CA ASN B 324 21.03 -1.63 7.85
C ASN B 324 20.63 -1.40 6.39
N ARG B 325 19.35 -1.06 6.17
CA ARG B 325 18.84 -1.02 4.81
C ARG B 325 19.15 0.31 4.12
N VAL B 326 20.40 0.76 4.23
CA VAL B 326 20.92 1.96 3.59
C VAL B 326 22.44 1.88 3.65
N ARG B 327 23.10 2.19 2.53
CA ARG B 327 24.56 2.23 2.52
C ARG B 327 24.98 3.28 1.50
N MET B 328 25.59 4.37 1.97
CA MET B 328 25.95 5.49 1.12
C MET B 328 27.46 5.69 1.14
N ILE B 329 28.07 5.74 -0.04
CA ILE B 329 29.49 5.99 -0.19
C ILE B 329 29.64 7.33 -0.94
N VAL B 330 30.34 8.26 -0.31
CA VAL B 330 30.42 9.62 -0.85
C VAL B 330 31.51 9.73 -1.91
N ASP B 331 32.72 9.28 -1.58
CA ASP B 331 33.85 9.37 -2.49
C ASP B 331 34.68 8.10 -2.37
N CYS B 332 34.83 7.38 -3.48
CA CYS B 332 35.60 6.15 -3.49
C CYS B 332 37.10 6.37 -3.40
N ASN B 333 37.58 7.57 -3.74
CA ASN B 333 39.00 7.91 -3.65
C ASN B 333 39.34 8.65 -2.37
N ALA B 334 38.36 8.86 -1.48
CA ALA B 334 38.60 9.56 -0.23
C ALA B 334 39.47 8.71 0.70
N THR B 335 40.43 9.36 1.34
CA THR B 335 41.34 8.66 2.24
C THR B 335 40.60 8.26 3.51
N PRO B 336 40.56 6.97 3.86
CA PRO B 336 39.87 6.56 5.08
C PRO B 336 40.59 7.07 6.32
N VAL B 337 39.80 7.23 7.39
CA VAL B 337 40.29 7.77 8.65
C VAL B 337 40.29 6.66 9.70
N LEU B 338 41.43 6.46 10.35
CA LEU B 338 41.54 5.42 11.36
C LEU B 338 40.81 5.82 12.64
N VAL B 339 40.17 4.84 13.27
CA VAL B 339 39.47 5.04 14.53
C VAL B 339 40.41 4.66 15.67
N VAL B 340 40.64 5.60 16.57
CA VAL B 340 41.54 5.38 17.70
C VAL B 340 40.79 4.67 18.81
N GLN B 341 41.36 3.57 19.30
CA GLN B 341 40.74 2.75 20.34
C GLN B 341 41.35 3.05 21.70
N ASP B 342 40.96 2.26 22.69
CA ASP B 342 41.43 2.41 24.06
C ASP B 342 42.23 1.19 24.47
N ASP B 343 43.15 1.39 25.41
CA ASP B 343 44.09 0.36 25.85
C ASP B 343 43.60 -0.41 27.07
N ARG B 344 42.28 -0.52 27.25
CA ARG B 344 41.72 -1.31 28.34
C ARG B 344 40.72 -2.36 27.89
N LEU B 345 40.39 -2.42 26.60
CA LEU B 345 39.41 -3.37 26.09
C LEU B 345 40.05 -4.26 25.02
N THR B 346 39.71 -5.54 25.07
CA THR B 346 40.21 -6.49 24.07
C THR B 346 39.38 -6.39 22.78
N GLN B 347 39.96 -6.90 21.69
CA GLN B 347 39.32 -6.96 20.38
C GLN B 347 39.08 -5.57 19.80
N SER B 348 38.76 -5.52 18.51
CA SER B 348 38.41 -4.27 17.85
C SER B 348 36.90 -4.07 17.92
N MET B 349 36.47 -2.83 18.14
CA MET B 349 35.05 -2.54 18.25
C MET B 349 34.35 -2.81 16.92
N CYS B 350 33.08 -3.18 17.01
CA CYS B 350 32.29 -3.57 15.84
C CYS B 350 31.66 -2.31 15.25
N LEU B 351 32.22 -1.84 14.13
CA LEU B 351 31.65 -0.73 13.38
C LEU B 351 30.65 -1.18 12.32
N VAL B 352 30.12 -2.40 12.46
CA VAL B 352 29.22 -2.95 11.45
C VAL B 352 27.94 -2.10 11.34
N GLY B 353 27.36 -1.75 12.48
CA GLY B 353 26.12 -0.99 12.46
C GLY B 353 26.29 0.46 12.06
N SER B 354 27.53 0.96 12.07
CA SER B 354 27.77 2.35 11.73
C SER B 354 27.49 2.62 10.26
N THR B 355 26.95 3.80 9.97
CA THR B 355 26.71 4.23 8.60
C THR B 355 27.91 4.92 7.97
N LEU B 356 28.99 5.10 8.72
CA LEU B 356 30.19 5.77 8.24
C LEU B 356 31.32 4.80 7.91
N ARG B 357 31.04 3.50 7.87
CA ARG B 357 32.08 2.51 7.63
C ARG B 357 32.67 2.68 6.23
N ALA B 358 33.99 2.63 6.15
CA ALA B 358 34.66 2.79 4.86
C ALA B 358 34.51 1.52 4.03
N PRO B 359 34.36 1.63 2.72
CA PRO B 359 34.24 0.43 1.88
C PRO B 359 35.58 -0.28 1.74
N HIS B 360 35.49 -1.56 1.38
CA HIS B 360 36.67 -2.38 1.22
C HIS B 360 37.48 -1.92 0.01
N GLY B 361 38.76 -2.30 -0.01
CA GLY B 361 39.63 -1.91 -1.11
C GLY B 361 39.21 -2.52 -2.43
N CYS B 362 38.74 -3.77 -2.40
CA CYS B 362 38.29 -4.42 -3.63
C CYS B 362 37.12 -3.68 -4.26
N HIS B 363 36.14 -3.30 -3.45
CA HIS B 363 34.99 -2.58 -3.99
C HIS B 363 35.36 -1.18 -4.45
N SER B 364 36.28 -0.52 -3.75
CA SER B 364 36.76 0.78 -4.21
C SER B 364 37.44 0.67 -5.57
N GLN B 365 38.27 -0.37 -5.75
CA GLN B 365 38.89 -0.59 -7.05
C GLN B 365 37.85 -0.87 -8.12
N TYR B 366 36.84 -1.68 -7.79
CA TYR B 366 35.79 -1.99 -8.75
C TYR B 366 35.05 -0.73 -9.18
N MET B 367 34.70 0.12 -8.23
CA MET B 367 33.97 1.34 -8.55
C MET B 367 34.84 2.31 -9.34
N ALA B 368 36.13 2.39 -9.00
CA ALA B 368 37.03 3.26 -9.76
C ALA B 368 37.16 2.79 -11.20
N ASN B 369 37.27 1.48 -11.41
CA ASN B 369 37.39 0.96 -12.78
C ASN B 369 36.09 1.13 -13.55
N MET B 370 34.94 0.93 -12.89
CA MET B 370 33.66 1.07 -13.58
C MET B 370 33.44 2.50 -14.04
N GLY B 371 33.80 3.48 -13.22
CA GLY B 371 33.64 4.90 -13.52
C GLY B 371 32.86 5.65 -12.46
N SER B 372 32.02 4.97 -11.71
CA SER B 372 31.25 5.62 -10.66
C SER B 372 32.16 6.04 -9.51
N ILE B 373 31.83 7.17 -8.89
CA ILE B 373 32.60 7.68 -7.76
C ILE B 373 31.80 7.69 -6.46
N ALA B 374 30.47 7.85 -6.53
CA ALA B 374 29.62 7.83 -5.35
C ALA B 374 28.48 6.86 -5.58
N SER B 375 27.94 6.33 -4.49
CA SER B 375 26.86 5.35 -4.61
C SER B 375 25.94 5.44 -3.39
N LEU B 376 24.72 4.95 -3.58
CA LEU B 376 23.72 4.92 -2.51
C LEU B 376 22.86 3.69 -2.74
N ALA B 377 23.22 2.60 -2.07
CA ALA B 377 22.52 1.33 -2.22
C ALA B 377 21.51 1.17 -1.11
N MET B 378 20.24 1.03 -1.48
CA MET B 378 19.19 0.72 -0.54
C MET B 378 19.01 -0.79 -0.49
N ALA B 379 17.94 -1.27 0.15
CA ALA B 379 17.68 -2.70 0.24
C ALA B 379 16.20 -2.95 0.04
N VAL B 380 15.87 -3.93 -0.80
CA VAL B 380 14.50 -4.38 -0.99
C VAL B 380 14.35 -5.68 -0.21
N ILE B 381 13.47 -5.67 0.78
CA ILE B 381 13.30 -6.79 1.70
C ILE B 381 11.85 -7.25 1.62
N ILE B 382 11.67 -8.55 1.39
CA ILE B 382 10.33 -9.14 1.30
C ILE B 382 10.21 -10.23 2.37
N ASN B 383 9.00 -10.75 2.55
CA ASN B 383 8.73 -11.78 3.54
C ASN B 383 8.77 -13.15 2.89
N GLY B 384 9.47 -14.08 3.53
CA GLY B 384 9.61 -15.43 3.01
C GLY B 384 9.75 -16.42 4.14
N ASN B 385 9.82 -17.69 3.77
CA ASN B 385 9.93 -18.77 4.75
C ASN B 385 11.38 -19.00 5.16
N SER B 397 7.27 -14.31 9.34
CA SER B 397 8.47 -15.12 9.31
C SER B 397 9.70 -14.26 9.03
N SER B 398 10.86 -14.91 8.92
CA SER B 398 12.10 -14.21 8.67
C SER B 398 12.08 -13.55 7.28
N MET B 399 12.77 -12.43 7.17
CA MET B 399 12.79 -11.67 5.93
C MET B 399 13.81 -12.27 4.96
N ARG B 400 13.64 -11.92 3.68
CA ARG B 400 14.55 -12.36 2.63
C ARG B 400 14.94 -11.17 1.76
N LEU B 401 16.23 -11.08 1.43
CA LEU B 401 16.75 -9.99 0.63
C LEU B 401 16.48 -10.29 -0.85
N TRP B 402 15.37 -9.74 -1.37
CA TRP B 402 15.02 -9.96 -2.76
C TRP B 402 16.05 -9.32 -3.69
N GLY B 403 16.50 -8.12 -3.36
CA GLY B 403 17.45 -7.42 -4.21
C GLY B 403 17.76 -6.06 -3.66
N LEU B 404 18.50 -5.28 -4.44
CA LEU B 404 18.91 -3.93 -4.06
C LEU B 404 18.39 -2.93 -5.07
N VAL B 405 18.58 -1.65 -4.74
CA VAL B 405 18.30 -0.53 -5.63
C VAL B 405 19.51 0.39 -5.52
N VAL B 406 20.38 0.35 -6.52
CA VAL B 406 21.68 1.01 -6.44
C VAL B 406 21.68 2.23 -7.33
N CYS B 407 22.13 3.36 -6.78
CA CYS B 407 22.28 4.61 -7.51
C CYS B 407 23.76 4.93 -7.66
N HIS B 408 24.14 5.39 -8.85
CA HIS B 408 25.54 5.70 -9.15
C HIS B 408 25.64 7.12 -9.69
N HIS B 409 26.77 7.76 -9.40
CA HIS B 409 27.09 9.09 -9.91
C HIS B 409 28.45 9.06 -10.60
N THR B 410 28.89 10.24 -11.03
CA THR B 410 30.18 10.39 -11.67
C THR B 410 31.13 11.27 -10.86
N SER B 411 30.62 11.99 -9.87
CA SER B 411 31.45 12.81 -9.00
C SER B 411 30.94 12.66 -7.57
N SER B 412 31.70 13.18 -6.62
CA SER B 412 31.35 13.06 -5.21
C SER B 412 30.02 13.76 -4.93
N ARG B 413 29.03 12.99 -4.49
CA ARG B 413 27.71 13.51 -4.18
C ARG B 413 27.36 13.11 -2.75
N CYS B 414 26.93 14.09 -1.94
CA CYS B 414 26.66 13.87 -0.53
C CYS B 414 25.17 13.79 -0.21
N ILE B 415 24.36 14.61 -0.86
CA ILE B 415 22.89 14.67 -0.76
C ILE B 415 22.48 15.14 0.63
N PRO B 416 21.38 15.89 0.76
CA PRO B 416 20.90 16.28 2.09
C PRO B 416 20.01 15.22 2.72
N PHE B 417 19.91 15.31 4.04
CA PHE B 417 19.29 14.32 4.92
C PHE B 417 17.82 14.04 4.59
N PRO B 418 16.97 15.07 4.40
CA PRO B 418 15.54 14.79 4.14
C PRO B 418 15.30 13.94 2.90
N LEU B 419 16.07 14.14 1.83
CA LEU B 419 15.89 13.31 0.64
C LEU B 419 16.27 11.86 0.91
N ARG B 420 17.36 11.66 1.68
CA ARG B 420 17.75 10.31 2.07
C ARG B 420 16.63 9.63 2.83
N TYR B 421 16.03 10.33 3.80
CA TYR B 421 14.96 9.71 4.57
C TYR B 421 13.70 9.50 3.75
N ALA B 422 13.43 10.37 2.78
CA ALA B 422 12.29 10.14 1.89
C ALA B 422 12.48 8.86 1.08
N CYS B 423 13.68 8.66 0.54
CA CYS B 423 13.95 7.42 -0.19
C CYS B 423 13.85 6.21 0.73
N GLU B 424 14.35 6.33 1.96
CA GLU B 424 14.27 5.23 2.91
C GLU B 424 12.82 4.87 3.21
N PHE B 425 11.96 5.88 3.34
CA PHE B 425 10.54 5.61 3.58
C PHE B 425 9.87 5.01 2.35
N LEU B 426 10.29 5.40 1.14
CA LEU B 426 9.71 4.84 -0.07
C LEU B 426 10.06 3.36 -0.26
N MET B 427 11.26 2.97 0.16
CA MET B 427 11.68 1.58 -0.02
C MET B 427 10.76 0.60 0.69
N GLN B 428 10.16 1.00 1.82
CA GLN B 428 9.27 0.11 2.55
C GLN B 428 8.01 -0.22 1.75
N ALA B 429 7.38 0.80 1.17
CA ALA B 429 6.22 0.57 0.33
C ALA B 429 6.60 -0.22 -0.91
N PHE B 430 7.80 0.02 -1.45
CA PHE B 430 8.27 -0.80 -2.56
C PHE B 430 8.32 -2.27 -2.18
N GLY B 431 8.90 -2.57 -1.01
CA GLY B 431 8.96 -3.96 -0.57
C GLY B 431 7.58 -4.59 -0.38
N LEU B 432 6.66 -3.83 0.22
CA LEU B 432 5.31 -4.34 0.42
C LEU B 432 4.65 -4.69 -0.91
N GLN B 433 4.73 -3.78 -1.88
CA GLN B 433 4.10 -4.05 -3.17
C GLN B 433 4.77 -5.20 -3.91
N LEU B 434 6.10 -5.32 -3.76
CA LEU B 434 6.80 -6.45 -4.39
C LEU B 434 6.32 -7.78 -3.81
N ASN B 435 6.17 -7.85 -2.49
CA ASN B 435 5.63 -9.06 -1.88
C ASN B 435 4.24 -9.37 -2.40
N MET B 436 3.39 -8.33 -2.52
CA MET B 436 2.07 -8.52 -3.08
C MET B 436 2.12 -9.14 -4.47
N GLU B 437 2.95 -8.56 -5.35
CA GLU B 437 3.03 -9.04 -6.72
C GLU B 437 3.55 -10.47 -6.78
N LEU B 438 4.54 -10.80 -5.94
CA LEU B 438 5.09 -12.15 -5.95
C LEU B 438 4.04 -13.18 -5.55
N GLN B 439 3.29 -12.90 -4.48
CA GLN B 439 2.29 -13.87 -4.05
C GLN B 439 1.18 -14.03 -5.09
N LEU B 440 0.73 -12.91 -5.67
CA LEU B 440 -0.32 -13.00 -6.67
C LEU B 440 0.15 -13.76 -7.90
N ALA B 441 1.40 -13.55 -8.32
CA ALA B 441 1.94 -14.28 -9.47
C ALA B 441 2.03 -15.77 -9.17
N LEU B 442 2.42 -16.13 -7.94
CA LEU B 442 2.48 -17.53 -7.58
C LEU B 442 1.09 -18.19 -7.69
N GLN B 443 0.07 -17.50 -7.17
CA GLN B 443 -1.28 -18.06 -7.26
C GLN B 443 -1.74 -18.19 -8.72
N MET B 444 -1.46 -17.19 -9.54
CA MET B 444 -1.85 -17.26 -10.95
C MET B 444 -1.15 -18.41 -11.67
N SER B 445 0.14 -18.61 -11.39
CA SER B 445 0.87 -19.71 -12.00
C SER B 445 0.29 -21.05 -11.58
N GLU B 446 -0.07 -21.18 -10.30
CA GLU B 446 -0.69 -22.43 -9.85
C GLU B 446 -1.99 -22.68 -10.62
N LYS B 447 -2.82 -21.65 -10.76
CA LYS B 447 -4.08 -21.81 -11.49
C LYS B 447 -3.84 -22.23 -12.94
N ARG B 448 -2.88 -21.57 -13.61
CA ARG B 448 -2.60 -21.89 -15.01
C ARG B 448 -2.10 -23.33 -15.16
N VAL B 449 -1.22 -23.78 -14.26
CA VAL B 449 -0.71 -25.14 -14.32
C VAL B 449 -1.85 -26.13 -14.12
N LEU B 450 -2.75 -25.84 -13.17
CA LEU B 450 -3.89 -26.74 -12.93
C LEU B 450 -4.77 -26.84 -14.17
N ARG B 451 -5.06 -25.70 -14.81
CA ARG B 451 -5.89 -25.74 -16.02
C ARG B 451 -5.22 -26.53 -17.14
N THR B 452 -3.92 -26.32 -17.34
CA THR B 452 -3.21 -27.05 -18.38
C THR B 452 -3.20 -28.54 -18.12
N GLN B 453 -2.98 -28.93 -16.86
CA GLN B 453 -3.00 -30.35 -16.52
C GLN B 453 -4.38 -30.96 -16.74
N THR B 454 -5.43 -30.24 -16.38
CA THR B 454 -6.78 -30.75 -16.60
C THR B 454 -7.06 -30.95 -18.08
N LEU B 455 -6.66 -29.98 -18.91
CA LEU B 455 -6.86 -30.12 -20.35
C LEU B 455 -6.06 -31.30 -20.91
N LEU B 456 -4.82 -31.47 -20.44
CA LEU B 456 -4.01 -32.59 -20.89
C LEU B 456 -4.65 -33.92 -20.51
N CYS B 457 -5.16 -34.03 -19.28
CA CYS B 457 -5.80 -35.26 -18.86
C CYS B 457 -7.06 -35.55 -19.68
N ASP B 458 -7.86 -34.52 -19.94
CA ASP B 458 -9.06 -34.71 -20.76
C ASP B 458 -8.70 -35.18 -22.16
N MET B 459 -7.65 -34.59 -22.75
CA MET B 459 -7.22 -35.03 -24.07
C MET B 459 -6.66 -36.45 -24.05
N LEU B 460 -5.98 -36.82 -22.95
CA LEU B 460 -5.48 -38.18 -22.81
C LEU B 460 -6.61 -39.19 -22.76
N LEU B 461 -7.67 -38.88 -22.00
CA LEU B 461 -8.74 -39.85 -21.80
C LEU B 461 -9.43 -40.21 -23.12
N ARG B 462 -9.56 -39.24 -24.03
CA ARG B 462 -10.22 -39.50 -25.31
C ARG B 462 -9.32 -40.35 -26.19
N ASP B 463 -9.90 -41.45 -26.68
CA ASP B 463 -9.18 -42.34 -27.62
C ASP B 463 -7.86 -42.83 -27.05
N SER B 464 -6.87 -43.01 -27.92
CA SER B 464 -5.58 -43.54 -27.52
C SER B 464 -4.77 -42.50 -26.77
N PRO B 465 -3.91 -42.93 -25.84
CA PRO B 465 -3.03 -41.98 -25.14
C PRO B 465 -1.96 -41.36 -26.01
N ALA B 466 -1.88 -41.71 -27.29
CA ALA B 466 -0.92 -41.13 -28.21
C ALA B 466 -1.35 -39.75 -28.72
N GLY B 467 -2.56 -39.30 -28.39
CA GLY B 467 -3.05 -38.01 -28.80
C GLY B 467 -2.58 -36.84 -28.00
N ILE B 468 -1.70 -37.07 -27.02
CA ILE B 468 -1.19 -35.96 -26.20
C ILE B 468 -0.39 -34.99 -27.05
N VAL B 469 0.47 -35.51 -27.93
CA VAL B 469 1.38 -34.67 -28.70
C VAL B 469 0.83 -34.28 -30.07
N THR B 470 -0.25 -34.92 -30.52
CA THR B 470 -0.77 -34.66 -31.87
C THR B 470 -1.67 -33.43 -31.94
N GLN B 471 -1.96 -32.80 -30.81
CA GLN B 471 -2.87 -31.66 -30.77
C GLN B 471 -2.14 -30.42 -30.25
N SER B 472 -2.69 -29.25 -30.59
CA SER B 472 -2.05 -27.97 -30.34
C SER B 472 -1.68 -27.76 -28.88
N PRO B 473 -2.59 -28.03 -27.91
CA PRO B 473 -2.13 -28.03 -26.51
C PRO B 473 -1.23 -29.21 -26.24
N SER B 474 0.05 -28.96 -25.96
CA SER B 474 1.02 -30.04 -25.85
C SER B 474 1.67 -30.07 -24.47
N ILE B 475 2.64 -30.97 -24.29
CA ILE B 475 3.30 -31.10 -23.00
C ILE B 475 4.15 -29.88 -22.70
N MET B 476 4.65 -29.20 -23.73
CA MET B 476 5.53 -28.05 -23.57
C MET B 476 4.85 -26.86 -22.90
N ASP B 477 3.55 -26.93 -22.63
CA ASP B 477 2.85 -25.87 -21.93
C ASP B 477 2.80 -26.08 -20.42
N LEU B 478 2.95 -27.32 -19.95
CA LEU B 478 2.96 -27.57 -18.52
C LEU B 478 4.21 -26.99 -17.86
N VAL B 479 5.36 -27.08 -18.53
CA VAL B 479 6.63 -26.62 -18.00
C VAL B 479 7.28 -25.70 -19.02
N LYS B 480 8.11 -24.79 -18.52
CA LYS B 480 8.86 -23.89 -19.37
C LYS B 480 10.06 -24.66 -19.90
N CYS B 481 9.90 -25.27 -21.08
CA CYS B 481 10.91 -26.10 -21.68
C CYS B 481 11.05 -25.76 -23.16
N ASP B 482 12.25 -26.01 -23.70
CA ASP B 482 12.52 -25.82 -25.11
C ASP B 482 12.23 -27.06 -25.94
N GLY B 483 11.85 -28.16 -25.32
CA GLY B 483 11.55 -29.38 -26.05
C GLY B 483 10.99 -30.44 -25.14
N ALA B 484 10.22 -31.34 -25.74
CA ALA B 484 9.59 -32.44 -25.03
C ALA B 484 9.70 -33.70 -25.87
N ALA B 485 9.57 -34.85 -25.21
CA ALA B 485 9.68 -36.13 -25.89
C ALA B 485 8.88 -37.17 -25.14
N PHE B 486 8.29 -38.09 -25.90
CA PHE B 486 7.49 -39.17 -25.34
C PHE B 486 7.92 -40.49 -25.98
N LEU B 487 8.37 -41.43 -25.15
CA LEU B 487 8.78 -42.75 -25.62
C LEU B 487 7.71 -43.75 -25.17
N TYR B 488 6.92 -44.22 -26.12
CA TYR B 488 5.80 -45.11 -25.87
C TYR B 488 5.86 -46.28 -26.85
N HIS B 489 6.15 -47.47 -26.34
CA HIS B 489 6.17 -48.70 -27.12
C HIS B 489 7.05 -48.58 -28.36
N GLY B 490 8.31 -48.26 -28.12
CA GLY B 490 9.28 -48.16 -29.19
C GLY B 490 9.17 -46.87 -30.00
N LYS B 491 7.98 -46.57 -30.50
CA LYS B 491 7.78 -45.36 -31.29
C LYS B 491 8.04 -44.13 -30.44
N TYR B 492 8.76 -43.17 -31.01
CA TYR B 492 9.25 -42.00 -30.29
C TYR B 492 8.64 -40.74 -30.88
N TYR B 493 8.05 -39.90 -30.01
CA TYR B 493 7.40 -38.67 -30.45
C TYR B 493 8.17 -37.47 -29.90
N PRO B 494 8.88 -36.73 -30.73
CA PRO B 494 9.57 -35.52 -30.26
C PRO B 494 8.72 -34.27 -30.46
N LEU B 495 9.18 -33.17 -29.84
CA LEU B 495 8.55 -31.88 -30.01
C LEU B 495 9.56 -30.81 -29.66
N GLY B 496 9.70 -29.80 -30.53
CA GLY B 496 10.65 -28.73 -30.26
C GLY B 496 12.08 -29.21 -30.38
N VAL B 497 12.95 -28.66 -29.54
CA VAL B 497 14.37 -29.00 -29.56
C VAL B 497 14.58 -30.30 -28.80
N ALA B 498 14.63 -31.41 -29.52
CA ALA B 498 14.79 -32.72 -28.94
C ALA B 498 15.88 -33.49 -29.68
N PRO B 499 16.55 -34.42 -29.01
CA PRO B 499 17.57 -35.23 -29.68
C PRO B 499 16.96 -36.28 -30.60
N SER B 500 17.84 -36.95 -31.33
CA SER B 500 17.40 -37.98 -32.26
C SER B 500 17.12 -39.30 -31.55
N GLU B 501 16.60 -40.26 -32.31
CA GLU B 501 16.22 -41.55 -31.74
C GLU B 501 17.43 -42.30 -31.19
N VAL B 502 18.56 -42.21 -31.89
CA VAL B 502 19.76 -42.90 -31.44
C VAL B 502 20.19 -42.38 -30.08
N GLN B 503 20.26 -41.05 -29.95
CA GLN B 503 20.61 -40.46 -28.66
C GLN B 503 19.54 -40.76 -27.62
N ILE B 504 18.29 -40.91 -28.04
CA ILE B 504 17.22 -41.21 -27.10
C ILE B 504 17.38 -42.60 -26.49
N LYS B 505 17.62 -43.61 -27.33
CA LYS B 505 17.81 -44.95 -26.74
C LYS B 505 19.13 -45.03 -25.98
N ASP B 506 20.14 -44.25 -26.41
CA ASP B 506 21.36 -44.17 -25.63
C ASP B 506 21.06 -43.65 -24.22
N VAL B 507 20.25 -42.59 -24.14
CA VAL B 507 19.87 -42.02 -22.85
C VAL B 507 19.07 -43.04 -22.04
N VAL B 508 18.20 -43.79 -22.71
CA VAL B 508 17.40 -44.81 -22.02
C VAL B 508 18.31 -45.88 -21.42
N GLU B 509 19.31 -46.32 -22.19
CA GLU B 509 20.26 -47.31 -21.69
C GLU B 509 21.02 -46.76 -20.49
N TRP B 510 21.48 -45.51 -20.59
CA TRP B 510 22.23 -44.91 -19.49
C TRP B 510 21.37 -44.79 -18.23
N LEU B 511 20.11 -44.39 -18.40
CA LEU B 511 19.20 -44.27 -17.26
C LEU B 511 18.94 -45.62 -16.62
N LEU B 512 18.65 -46.63 -17.44
CA LEU B 512 18.42 -47.97 -16.91
C LEU B 512 19.67 -48.57 -16.28
N ALA B 513 20.85 -48.05 -16.63
CA ALA B 513 22.08 -48.52 -15.98
C ALA B 513 22.17 -48.02 -14.55
N ASN B 514 22.16 -46.69 -14.36
CA ASN B 514 22.38 -46.12 -13.04
C ASN B 514 21.10 -46.10 -12.21
N HIS B 515 20.08 -45.37 -12.66
CA HIS B 515 18.85 -45.17 -11.90
C HIS B 515 17.77 -46.07 -12.49
N ALA B 516 17.60 -47.25 -11.92
CA ALA B 516 16.62 -48.23 -12.39
C ALA B 516 15.42 -48.36 -11.48
N ASP B 517 15.60 -48.26 -10.16
CA ASP B 517 14.51 -48.41 -9.22
C ASP B 517 13.81 -47.09 -8.90
N SER B 518 14.29 -45.97 -9.44
CA SER B 518 13.71 -44.67 -9.12
C SER B 518 12.39 -44.48 -9.86
N THR B 519 11.75 -43.33 -9.60
CA THR B 519 10.48 -42.98 -10.20
C THR B 519 10.62 -41.78 -11.14
N GLY B 520 11.67 -40.99 -10.96
CA GLY B 520 11.90 -39.84 -11.81
C GLY B 520 13.25 -39.22 -11.53
N LEU B 521 13.67 -38.35 -12.45
CA LEU B 521 14.98 -37.73 -12.36
C LEU B 521 14.91 -36.35 -13.00
N SER B 522 15.81 -35.47 -12.57
CA SER B 522 15.87 -34.11 -13.11
C SER B 522 17.27 -33.57 -12.90
N THR B 523 18.04 -33.45 -13.99
CA THR B 523 19.38 -32.90 -13.94
C THR B 523 19.41 -31.60 -14.75
N ASP B 524 19.85 -30.52 -14.12
CA ASP B 524 20.00 -29.26 -14.83
C ASP B 524 21.13 -29.29 -15.85
N SER B 525 21.98 -30.32 -15.80
CA SER B 525 23.03 -30.50 -16.79
C SER B 525 23.20 -31.99 -17.03
N LEU B 526 23.07 -32.41 -18.29
CA LEU B 526 23.27 -33.83 -18.62
C LEU B 526 24.68 -34.26 -18.28
N GLY B 527 25.67 -33.46 -18.63
CA GLY B 527 27.03 -33.70 -18.18
C GLY B 527 27.16 -33.40 -16.70
N ASP B 528 28.26 -33.89 -16.12
CA ASP B 528 28.61 -33.69 -14.72
C ASP B 528 27.63 -34.48 -13.84
N ALA B 529 26.58 -35.03 -14.45
CA ALA B 529 25.57 -35.80 -13.72
C ALA B 529 25.69 -37.30 -13.91
N GLY B 530 26.34 -37.76 -14.98
CA GLY B 530 26.51 -39.18 -15.19
C GLY B 530 26.42 -39.63 -16.64
N TYR B 531 25.88 -38.77 -17.49
CA TYR B 531 25.72 -39.11 -18.90
C TYR B 531 27.06 -39.03 -19.62
N PRO B 532 27.55 -40.12 -20.22
CA PRO B 532 28.81 -40.03 -20.97
C PRO B 532 28.65 -39.40 -22.35
N GLY B 533 27.47 -39.46 -22.94
CA GLY B 533 27.21 -38.92 -24.26
C GLY B 533 26.72 -37.48 -24.30
N ALA B 534 26.83 -36.76 -23.19
CA ALA B 534 26.33 -35.37 -23.16
C ALA B 534 27.11 -34.48 -24.10
N ALA B 535 28.34 -34.85 -24.44
CA ALA B 535 29.16 -34.01 -25.33
C ALA B 535 28.56 -33.94 -26.72
N ALA B 536 27.91 -35.01 -27.18
CA ALA B 536 27.33 -35.01 -28.51
C ALA B 536 26.13 -34.08 -28.61
N LEU B 537 25.39 -33.94 -27.51
CA LEU B 537 24.19 -33.11 -27.53
C LEU B 537 24.52 -31.64 -27.79
N GLY B 538 25.59 -31.14 -27.19
CA GLY B 538 25.97 -29.75 -27.38
C GLY B 538 25.15 -28.81 -26.51
N ASP B 539 25.12 -27.55 -26.92
CA ASP B 539 24.42 -26.50 -26.17
C ASP B 539 22.96 -26.36 -26.62
N ALA B 540 22.27 -27.49 -26.72
CA ALA B 540 20.84 -27.49 -27.02
C ALA B 540 20.01 -28.40 -26.13
N VAL B 541 20.60 -29.41 -25.51
CA VAL B 541 19.88 -30.32 -24.61
C VAL B 541 20.60 -30.36 -23.27
N CYS B 542 21.11 -29.20 -22.85
CA CYS B 542 21.91 -29.14 -21.61
C CYS B 542 21.12 -29.64 -20.41
N GLY B 543 19.89 -29.17 -20.25
CA GLY B 543 19.04 -29.56 -19.14
C GLY B 543 18.09 -30.68 -19.52
N MET B 544 17.75 -31.51 -18.55
CA MET B 544 16.89 -32.65 -18.82
C MET B 544 16.11 -33.03 -17.57
N ALA B 545 14.91 -33.54 -17.79
CA ALA B 545 14.07 -34.06 -16.71
C ALA B 545 13.27 -35.22 -17.26
N VAL B 546 13.43 -36.40 -16.65
CA VAL B 546 12.81 -37.62 -17.14
C VAL B 546 11.87 -38.17 -16.09
N ALA B 547 10.80 -38.79 -16.56
CA ALA B 547 9.82 -39.46 -15.71
C ALA B 547 9.50 -40.81 -16.36
N TYR B 548 9.82 -41.90 -15.65
CA TYR B 548 9.52 -43.24 -16.16
C TYR B 548 8.04 -43.54 -15.96
N ILE B 549 7.45 -44.26 -16.92
CA ILE B 549 6.04 -44.60 -16.80
C ILE B 549 5.89 -45.98 -16.18
N THR B 550 6.29 -47.04 -16.91
CA THR B 550 6.34 -48.33 -16.26
C THR B 550 7.78 -48.73 -15.90
N LYS B 551 8.55 -49.13 -16.91
CA LYS B 551 10.01 -49.21 -16.81
C LYS B 551 10.67 -48.90 -18.15
N ARG B 552 9.86 -48.72 -19.20
CA ARG B 552 10.38 -48.54 -20.55
C ARG B 552 9.77 -47.36 -21.31
N ASP B 553 8.57 -46.92 -20.94
CA ASP B 553 7.96 -45.74 -21.54
C ASP B 553 8.31 -44.53 -20.69
N PHE B 554 8.73 -43.45 -21.33
CA PHE B 554 9.30 -42.34 -20.60
C PHE B 554 8.76 -41.01 -21.14
N LEU B 555 8.80 -40.00 -20.27
CA LEU B 555 8.48 -38.63 -20.65
C LEU B 555 9.69 -37.76 -20.35
N PHE B 556 10.13 -36.99 -21.34
CA PHE B 556 11.32 -36.15 -21.22
C PHE B 556 10.96 -34.68 -21.46
N TRP B 557 11.51 -33.81 -20.62
CA TRP B 557 11.47 -32.37 -20.82
C TRP B 557 12.91 -31.88 -20.90
N PHE B 558 13.28 -31.27 -22.03
CA PHE B 558 14.64 -30.81 -22.24
C PHE B 558 14.72 -29.31 -22.00
N ARG B 559 15.94 -28.78 -22.12
CA ARG B 559 16.19 -27.36 -21.91
C ARG B 559 17.57 -27.02 -22.43
N SER B 560 17.68 -25.89 -23.13
CA SER B 560 18.96 -25.43 -23.65
C SER B 560 19.75 -24.71 -22.57
N HIS B 561 20.98 -24.34 -22.88
CA HIS B 561 21.85 -23.66 -21.93
C HIS B 561 21.38 -22.24 -21.68
N THR B 562 21.83 -21.67 -20.57
CA THR B 562 21.42 -20.33 -20.15
C THR B 562 22.24 -19.24 -20.84
N ALA B 563 22.28 -19.28 -22.16
CA ALA B 563 22.96 -18.24 -22.92
C ALA B 563 22.16 -17.78 -24.14
N LYS B 564 21.03 -18.43 -24.45
CA LYS B 564 20.19 -18.02 -25.56
C LYS B 564 19.12 -17.01 -25.15
N GLU B 565 18.99 -16.71 -23.86
CA GLU B 565 18.03 -15.72 -23.37
C GLU B 565 18.72 -14.56 -22.68
N ILE B 566 20.01 -14.35 -22.95
CA ILE B 566 20.78 -13.27 -22.36
C ILE B 566 21.47 -12.52 -23.49
N LYS B 567 21.32 -11.19 -23.51
CA LYS B 567 21.89 -10.37 -24.57
C LYS B 567 23.00 -9.45 -24.07
N TRP B 568 22.69 -8.53 -23.14
CA TRP B 568 23.63 -7.52 -22.69
C TRP B 568 24.41 -6.95 -23.87
N GLY B 569 23.70 -6.25 -24.76
CA GLY B 569 24.26 -5.74 -26.00
C GLY B 569 25.58 -5.01 -25.89
N GLY B 570 25.90 -4.51 -24.69
CA GLY B 570 27.18 -3.84 -24.47
C GLY B 570 28.35 -4.77 -24.31
N ARG B 583 41.22 -7.14 -15.25
CA ARG B 583 40.85 -5.99 -14.43
C ARG B 583 39.35 -5.99 -14.15
N MET B 584 38.99 -5.74 -12.89
CA MET B 584 37.60 -5.81 -12.48
C MET B 584 36.78 -4.73 -13.18
N HIS B 585 35.70 -5.15 -13.86
CA HIS B 585 34.87 -4.28 -14.67
C HIS B 585 33.64 -5.11 -15.06
N PRO B 586 32.46 -4.50 -15.20
CA PRO B 586 31.26 -5.29 -15.52
C PRO B 586 31.41 -6.17 -16.75
N ARG B 587 32.22 -5.75 -17.73
CA ARG B 587 32.51 -6.59 -18.88
C ARG B 587 33.19 -7.89 -18.43
N SER B 588 34.11 -7.80 -17.47
CA SER B 588 34.78 -9.00 -16.98
C SER B 588 33.82 -9.90 -16.23
N SER B 589 32.96 -9.33 -15.38
CA SER B 589 31.99 -10.14 -14.63
C SER B 589 31.02 -10.84 -15.58
N PHE B 590 30.57 -10.14 -16.61
CA PHE B 590 29.80 -10.80 -17.65
C PHE B 590 30.70 -11.72 -18.46
N GLN B 591 30.10 -12.82 -18.91
CA GLN B 591 30.70 -13.92 -19.68
C GLN B 591 31.65 -14.72 -18.80
N ALA B 592 32.06 -14.15 -17.67
CA ALA B 592 32.60 -14.97 -16.60
C ALA B 592 31.47 -15.68 -15.88
N PHE B 593 30.36 -14.97 -15.69
CA PHE B 593 29.12 -15.64 -15.31
C PHE B 593 28.76 -16.74 -16.30
N LEU B 594 29.04 -16.52 -17.59
CA LEU B 594 28.74 -17.54 -18.59
C LEU B 594 29.63 -18.77 -18.45
N GLU B 595 30.95 -18.56 -18.31
CA GLU B 595 31.83 -19.69 -18.01
C GLU B 595 31.42 -20.41 -16.74
N VAL B 596 30.92 -19.68 -15.75
CA VAL B 596 30.41 -20.32 -14.54
C VAL B 596 29.21 -21.20 -14.87
N VAL B 597 28.31 -20.71 -15.71
CA VAL B 597 27.05 -21.38 -15.98
C VAL B 597 27.06 -22.09 -17.33
N LYS B 598 28.25 -22.32 -17.89
CA LYS B 598 28.34 -22.96 -19.20
C LYS B 598 27.81 -24.39 -19.14
N SER B 599 27.15 -24.81 -20.23
CA SER B 599 26.60 -26.16 -20.36
C SER B 599 25.68 -26.51 -19.20
N ARG B 600 24.73 -25.61 -18.93
CA ARG B 600 23.79 -25.80 -17.85
C ARG B 600 22.53 -25.00 -18.14
N SER B 601 21.38 -25.57 -17.80
CA SER B 601 20.09 -24.92 -17.98
C SER B 601 19.60 -24.34 -16.66
N GLN B 602 18.54 -23.57 -16.74
CA GLN B 602 17.94 -23.00 -15.53
C GLN B 602 17.38 -24.13 -14.67
N PRO B 603 17.62 -24.09 -13.36
CA PRO B 603 17.19 -25.21 -12.50
C PRO B 603 15.67 -25.36 -12.49
N TRP B 604 15.23 -26.60 -12.40
CA TRP B 604 13.80 -26.89 -12.36
C TRP B 604 13.24 -26.52 -11.00
N GLU B 605 12.17 -25.74 -11.00
CA GLU B 605 11.58 -25.26 -9.75
C GLU B 605 10.67 -26.32 -9.15
N THR B 606 10.32 -26.10 -7.87
CA THR B 606 9.51 -27.08 -7.14
C THR B 606 8.14 -27.23 -7.76
N ALA B 607 7.52 -26.12 -8.17
CA ALA B 607 6.17 -26.19 -8.72
C ALA B 607 6.14 -27.07 -9.97
N GLU B 608 7.13 -26.92 -10.85
CA GLU B 608 7.20 -27.75 -12.04
C GLU B 608 7.40 -29.22 -11.67
N MET B 609 8.21 -29.48 -10.64
CA MET B 609 8.44 -30.86 -10.22
C MET B 609 7.17 -31.51 -9.71
N ASP B 610 6.39 -30.80 -8.89
CA ASP B 610 5.11 -31.35 -8.44
C ASP B 610 4.11 -31.49 -9.57
N ALA B 611 4.10 -30.56 -10.53
CA ALA B 611 3.22 -30.70 -11.69
C ALA B 611 3.58 -31.97 -12.47
N ILE B 612 4.88 -32.19 -12.68
CA ILE B 612 5.33 -33.39 -13.39
C ILE B 612 4.95 -34.64 -12.60
N HIS B 613 5.09 -34.60 -11.27
CA HIS B 613 4.74 -35.75 -10.45
C HIS B 613 3.25 -36.06 -10.55
N SER B 614 2.40 -35.04 -10.48
CA SER B 614 0.96 -35.26 -10.58
C SER B 614 0.60 -35.83 -11.95
N LEU B 615 1.15 -35.25 -13.02
CA LEU B 615 0.88 -35.78 -14.35
C LEU B 615 1.34 -37.22 -14.46
N GLN B 616 2.54 -37.53 -13.94
CA GLN B 616 3.06 -38.89 -14.01
C GLN B 616 2.15 -39.86 -13.28
N LEU B 617 1.66 -39.47 -12.10
CA LEU B 617 0.70 -40.31 -11.38
C LEU B 617 -0.55 -40.53 -12.22
N ILE B 618 -0.98 -39.51 -12.96
CA ILE B 618 -2.12 -39.69 -13.87
C ILE B 618 -1.81 -40.73 -14.93
N LEU B 619 -0.60 -40.69 -15.51
CA LEU B 619 -0.23 -41.72 -16.48
C LEU B 619 -0.24 -43.11 -15.85
N ARG B 620 0.32 -43.25 -14.65
CA ARG B 620 0.32 -44.56 -14.02
C ARG B 620 -1.09 -45.07 -13.78
N ASP B 621 -1.98 -44.21 -13.29
CA ASP B 621 -3.36 -44.63 -13.07
C ASP B 621 -4.04 -45.04 -14.37
N SER B 622 -3.87 -44.23 -15.42
CA SER B 622 -4.53 -44.52 -16.69
C SER B 622 -4.01 -45.81 -17.30
N PHE B 623 -2.70 -46.04 -17.24
CA PHE B 623 -2.13 -47.23 -17.85
C PHE B 623 -2.38 -48.47 -16.98
N LYS B 624 -2.62 -48.29 -15.68
CA LYS B 624 -3.04 -49.41 -14.85
C LYS B 624 -4.50 -49.76 -15.10
N GLU B 625 -5.32 -48.77 -15.49
CA GLU B 625 -6.72 -49.04 -15.78
C GLU B 625 -6.86 -50.02 -16.93
N SER B 626 -6.07 -49.85 -17.98
CA SER B 626 -6.12 -50.74 -19.13
C SER B 626 -5.37 -52.04 -18.87
N CYS C 15 5.93 11.56 -15.42
CA CYS C 15 6.29 11.02 -14.10
C CYS C 15 6.94 12.09 -13.23
N ARG C 16 6.14 13.05 -12.78
CA ARG C 16 6.60 14.13 -11.92
C ARG C 16 5.92 14.03 -10.56
N LEU C 17 6.61 14.51 -9.53
CA LEU C 17 6.07 14.45 -8.18
C LEU C 17 4.83 15.32 -8.03
N SER C 18 4.90 16.56 -8.53
CA SER C 18 3.78 17.49 -8.49
C SER C 18 3.31 17.76 -7.06
N ASP C 19 2.19 18.48 -6.93
CA ASP C 19 1.60 18.79 -5.64
C ASP C 19 0.11 18.50 -5.69
N GLN C 20 -0.48 18.25 -4.52
CA GLN C 20 -1.89 17.92 -4.46
C GLN C 20 -2.74 19.08 -4.93
N GLU C 21 -3.55 18.84 -5.96
CA GLU C 21 -4.45 19.84 -6.52
C GLU C 21 -5.87 19.52 -6.09
N TYR C 22 -6.56 20.49 -5.51
CA TYR C 22 -7.89 20.29 -4.96
C TYR C 22 -8.96 20.56 -6.01
N MET C 23 -10.10 19.91 -5.85
CA MET C 23 -11.19 20.00 -6.81
C MET C 23 -12.52 20.13 -6.08
N GLU C 24 -13.49 20.74 -6.76
CA GLU C 24 -14.79 21.05 -6.18
C GLU C 24 -15.89 20.44 -7.05
N LEU C 25 -16.87 19.80 -6.39
CA LEU C 25 -18.07 19.35 -7.08
C LEU C 25 -18.90 20.51 -7.55
N VAL C 26 -19.38 20.41 -8.80
CA VAL C 26 -20.41 21.29 -9.31
C VAL C 26 -21.46 20.41 -9.98
N PHE C 27 -22.66 20.96 -10.12
CA PHE C 27 -23.79 20.26 -10.71
C PHE C 27 -24.17 20.99 -11.99
N GLU C 28 -23.89 20.37 -13.12
CA GLU C 28 -24.12 20.99 -14.41
C GLU C 28 -24.62 19.94 -15.39
N ASN C 29 -25.49 20.38 -16.31
CA ASN C 29 -26.03 19.53 -17.37
C ASN C 29 -26.69 18.28 -16.79
N GLY C 30 -27.34 18.44 -15.64
CA GLY C 30 -27.97 17.32 -14.97
C GLY C 30 -27.00 16.24 -14.55
N GLN C 31 -25.81 16.63 -14.09
CA GLN C 31 -24.82 15.66 -13.64
C GLN C 31 -23.91 16.31 -12.60
N ILE C 32 -23.30 15.46 -11.78
CA ILE C 32 -22.38 15.88 -10.74
C ILE C 32 -20.98 15.67 -11.30
N LEU C 33 -20.29 16.77 -11.64
CA LEU C 33 -18.94 16.68 -12.17
C LEU C 33 -17.98 17.42 -11.26
N ALA C 34 -16.81 16.84 -11.05
CA ALA C 34 -15.81 17.39 -10.14
C ALA C 34 -14.88 18.32 -10.91
N LYS C 35 -15.39 19.53 -11.13
CA LYS C 35 -14.61 20.55 -11.84
C LYS C 35 -13.40 20.97 -11.02
N GLY C 36 -12.25 21.07 -11.68
CA GLY C 36 -11.04 21.47 -10.99
C GLY C 36 -11.02 22.95 -10.68
N GLN C 37 -10.07 23.33 -9.83
CA GLN C 37 -9.97 24.72 -9.40
C GLN C 37 -9.32 25.58 -10.47
N ARG C 38 -8.08 25.27 -10.84
CA ARG C 38 -7.33 26.05 -11.82
C ARG C 38 -6.89 25.13 -12.95
N SER C 39 -7.44 25.36 -14.14
CA SER C 39 -7.10 24.56 -15.32
C SER C 39 -5.76 25.02 -15.86
N ASN C 40 -4.71 24.26 -15.56
CA ASN C 40 -3.37 24.60 -16.03
C ASN C 40 -2.73 23.41 -16.74
N HIS C 44 2.05 27.40 -18.80
CA HIS C 44 2.74 26.12 -18.85
C HIS C 44 3.94 26.12 -17.89
N ASN C 45 5.14 26.03 -18.45
CA ASN C 45 6.39 26.05 -17.69
C ASN C 45 6.42 24.95 -16.63
N GLN C 46 6.38 23.70 -17.11
CA GLN C 46 6.52 22.56 -16.22
C GLN C 46 7.95 22.47 -15.69
N ARG C 47 8.10 21.74 -14.59
CA ARG C 47 9.41 21.61 -13.96
C ARG C 47 10.38 20.87 -14.88
N THR C 48 11.60 21.37 -14.97
CA THR C 48 12.65 20.76 -15.78
C THR C 48 13.93 20.55 -14.98
N LYS C 49 13.85 20.61 -13.65
CA LYS C 49 15.00 20.41 -12.79
C LYS C 49 14.64 19.42 -11.69
N SER C 50 15.65 18.68 -11.24
CA SER C 50 15.44 17.67 -10.21
C SER C 50 15.09 18.32 -8.87
N ILE C 51 14.44 17.54 -8.01
CA ILE C 51 14.07 18.02 -6.68
C ILE C 51 15.30 18.38 -5.87
N MET C 52 16.44 17.74 -6.15
CA MET C 52 17.69 18.12 -5.50
C MET C 52 18.06 19.55 -5.81
N ASP C 53 17.93 19.96 -7.08
CA ASP C 53 18.22 21.34 -7.44
C ASP C 53 17.23 22.31 -6.79
N LEU C 54 15.97 21.91 -6.69
CA LEU C 54 14.98 22.75 -6.00
C LEU C 54 15.36 22.94 -4.54
N TYR C 55 15.80 21.87 -3.88
CA TYR C 55 16.22 21.99 -2.48
C TYR C 55 17.44 22.89 -2.36
N GLU C 56 18.41 22.73 -3.26
CA GLU C 56 19.61 23.55 -3.19
C GLU C 56 19.34 25.01 -3.52
N ALA C 57 18.26 25.29 -4.24
CA ALA C 57 17.94 26.68 -4.59
C ALA C 57 17.07 27.36 -3.54
N GLU C 58 15.96 26.71 -3.14
CA GLU C 58 15.04 27.33 -2.20
C GLU C 58 15.65 27.47 -0.81
N TYR C 59 16.30 26.41 -0.32
CA TYR C 59 16.88 26.41 1.02
C TYR C 59 18.26 27.07 1.01
N ASN C 60 18.29 28.30 0.53
CA ASN C 60 19.50 29.09 0.41
C ASN C 60 19.46 30.19 1.48
N GLU C 61 20.28 30.03 2.52
CA GLU C 61 20.30 30.97 3.63
C GLU C 61 21.32 32.09 3.43
N ASP C 62 21.23 32.74 2.27
CA ASP C 62 22.17 33.81 1.94
C ASP C 62 21.73 35.18 2.46
N PHE C 63 20.42 35.41 2.59
CA PHE C 63 19.95 36.73 2.99
C PHE C 63 20.10 36.99 4.48
N MET C 64 20.49 35.98 5.27
CA MET C 64 20.85 36.21 6.66
C MET C 64 22.26 36.78 6.82
N LYS C 65 23.01 36.90 5.72
CA LYS C 65 24.40 37.39 5.69
C LYS C 65 25.21 37.01 6.93
#